data_4MSS
#
_entry.id   4MSS
#
_cell.length_a   48.760
_cell.length_b   87.580
_cell.length_c   67.210
_cell.angle_alpha   90.00
_cell.angle_beta   92.10
_cell.angle_gamma   90.00
#
_symmetry.space_group_name_H-M   'P 1 21 1'
#
loop_
_entity.id
_entity.type
_entity.pdbx_description
1 polymer 'Beta-hexosaminidase 1'
2 non-polymer N-[(3S,4R,5R,6S)-4,5,6-trihydroxyazepan-3-yl]acetamide
3 non-polymer GLYCEROL
4 water water
#
_entity_poly.entity_id   1
_entity_poly.type   'polypeptide(L)'
_entity_poly.pdbx_seq_one_letter_code
;MAHHHHHHMKTTPGPVMLDVVGTTLSRDDARRLAHPNTGGVILFARHFQNRAQLTALTDSIRAVREDILIAVDHEGGRVQ
RFRTDGFTVLPAMRRLGELWDRDVLLATKVATAVGYILAAELRACGIDMSFTPVLDLDYGHSKVIGDRAFHRDPRVVTLL
AKSLNHGLSLAGMANCGKHFPGHGFAEADSHVALPTDDRTLDAILEQDVAPYDWLGLSLAAVIPAHVIYTQVDKRPAGFS
RVWLQDILRGKLGFTGAIFSDDLSMEAAREGGTLTQAADAALAAGCDMVLVCNQPDAAEVVLNGLKARASAESVRRIKRM
RARGKALKWDKLIAQPEYLQAQALLSSALA
;
_entity_poly.pdbx_strand_id   A,B
#
loop_
_chem_comp.id
_chem_comp.type
_chem_comp.name
_chem_comp.formula
2CZ non-polymer N-[(3S,4R,5R,6S)-4,5,6-trihydroxyazepan-3-yl]acetamide 'C8 H16 N2 O4'
GOL non-polymer GLYCEROL 'C3 H8 O3'
#
# COMPACT_ATOMS: atom_id res chain seq x y z
N THR A 11 21.04 -18.80 -4.66
CA THR A 11 21.32 -18.73 -3.23
C THR A 11 20.22 -18.05 -2.42
N THR A 12 20.23 -18.29 -1.11
CA THR A 12 19.24 -17.71 -0.21
C THR A 12 19.90 -16.81 0.85
N PRO A 13 19.14 -15.85 1.35
CA PRO A 13 19.76 -14.87 2.25
C PRO A 13 20.14 -15.45 3.60
N GLY A 14 21.31 -15.04 4.10
CA GLY A 14 21.70 -15.30 5.47
C GLY A 14 21.19 -14.25 6.47
N PRO A 15 21.54 -14.44 7.72
CA PRO A 15 21.02 -13.57 8.79
C PRO A 15 21.77 -12.25 9.02
N VAL A 16 22.88 -11.98 8.34
CA VAL A 16 23.65 -10.78 8.66
C VAL A 16 23.45 -9.65 7.63
N MET A 17 23.09 -8.48 8.14
CA MET A 17 23.11 -7.25 7.35
C MET A 17 24.33 -6.43 7.76
N LEU A 18 25.20 -6.17 6.80
CA LEU A 18 26.41 -5.44 7.04
C LEU A 18 26.52 -4.28 6.05
N ASP A 19 27.65 -3.57 6.04
CA ASP A 19 27.83 -2.50 5.05
C ASP A 19 29.07 -2.73 4.21
N VAL A 20 29.17 -1.96 3.12
CA VAL A 20 30.30 -2.06 2.21
C VAL A 20 31.30 -0.96 2.51
N VAL A 21 32.48 -0.99 1.92
CA VAL A 21 33.52 -0.09 2.39
C VAL A 21 33.41 1.32 1.82
N GLY A 22 32.73 1.49 0.69
CA GLY A 22 32.76 2.78 0.03
C GLY A 22 31.77 3.01 -1.09
N THR A 23 32.15 3.85 -2.04
CA THR A 23 31.19 4.28 -3.05
C THR A 23 31.16 3.34 -4.25
N THR A 24 32.20 2.49 -4.33
CA THR A 24 32.33 1.44 -5.33
CA THR A 24 32.26 1.41 -5.30
C THR A 24 32.69 0.15 -4.57
N LEU A 25 32.34 -1.01 -5.12
CA LEU A 25 32.65 -2.28 -4.42
C LEU A 25 34.12 -2.68 -4.51
N SER A 26 34.66 -3.14 -3.38
CA SER A 26 36.00 -3.68 -3.33
C SER A 26 35.95 -5.19 -3.35
N ARG A 27 37.11 -5.81 -3.52
CA ARG A 27 37.20 -7.26 -3.41
C ARG A 27 36.76 -7.77 -2.06
N ASP A 28 37.16 -7.08 -0.98
CA ASP A 28 36.76 -7.50 0.37
C ASP A 28 35.23 -7.47 0.48
N ASP A 29 34.61 -6.41 -0.04
CA ASP A 29 33.14 -6.37 -0.03
C ASP A 29 32.57 -7.59 -0.77
N ALA A 30 33.12 -7.89 -1.94
CA ALA A 30 32.56 -8.96 -2.75
C ALA A 30 32.74 -10.31 -2.05
N ARG A 31 33.82 -10.47 -1.29
CA ARG A 31 33.98 -11.68 -0.50
C ARG A 31 32.89 -11.79 0.59
N ARG A 32 32.65 -10.69 1.28
CA ARG A 32 31.65 -10.69 2.33
C ARG A 32 30.25 -10.87 1.76
N LEU A 33 30.01 -10.27 0.62
CA LEU A 33 28.68 -10.37 -0.01
C LEU A 33 28.35 -11.80 -0.45
N ALA A 34 29.39 -12.55 -0.79
CA ALA A 34 29.25 -13.94 -1.23
C ALA A 34 29.09 -14.95 -0.09
N HIS A 35 29.30 -14.50 1.15
CA HIS A 35 29.28 -15.41 2.29
C HIS A 35 27.85 -15.87 2.55
N PRO A 36 27.66 -17.17 2.82
CA PRO A 36 26.27 -17.67 2.95
C PRO A 36 25.48 -17.01 4.09
N ASN A 37 26.15 -16.51 5.11
CA ASN A 37 25.46 -15.85 6.22
C ASN A 37 25.14 -14.38 5.99
N THR A 38 25.56 -13.83 4.85
CA THR A 38 25.13 -12.48 4.44
C THR A 38 23.72 -12.48 3.86
N GLY A 39 22.87 -11.59 4.39
CA GLY A 39 21.54 -11.42 3.89
C GLY A 39 21.22 -10.03 3.39
N GLY A 40 22.04 -9.05 3.76
CA GLY A 40 21.71 -7.68 3.43
C GLY A 40 22.86 -6.69 3.52
N VAL A 41 22.60 -5.53 2.94
CA VAL A 41 23.51 -4.40 3.02
C VAL A 41 22.70 -3.20 3.53
N ILE A 42 23.23 -2.50 4.51
CA ILE A 42 22.69 -1.22 4.91
C ILE A 42 23.65 -0.13 4.42
N LEU A 43 23.10 0.93 3.84
CA LEU A 43 23.87 2.04 3.26
C LEU A 43 23.80 3.24 4.21
N PHE A 44 24.86 4.04 4.23
CA PHE A 44 24.98 5.23 5.07
C PHE A 44 25.41 6.39 4.17
N ALA A 45 25.46 7.59 4.71
CA ALA A 45 25.81 8.79 3.93
C ALA A 45 27.12 8.65 3.12
N ARG A 46 28.12 7.98 3.70
CA ARG A 46 29.42 7.81 3.01
C ARG A 46 29.33 6.97 1.75
N HIS A 47 28.24 6.24 1.58
CA HIS A 47 28.04 5.43 0.38
C HIS A 47 27.41 6.18 -0.76
N PHE A 48 27.16 7.48 -0.56
CA PHE A 48 26.44 8.29 -1.52
C PHE A 48 27.24 9.51 -2.00
N GLN A 49 27.50 9.55 -3.30
CA GLN A 49 28.06 10.74 -3.94
C GLN A 49 26.99 11.38 -4.79
N ASN A 50 26.38 10.60 -5.65
CA ASN A 50 25.22 11.05 -6.42
C ASN A 50 24.40 9.89 -6.91
N ARG A 51 23.27 10.17 -7.56
CA ARG A 51 22.36 9.10 -7.97
C ARG A 51 23.00 8.09 -8.92
N ALA A 52 23.76 8.56 -9.90
CA ALA A 52 24.37 7.64 -10.84
C ALA A 52 25.36 6.72 -10.13
N GLN A 53 26.14 7.26 -9.20
CA GLN A 53 27.10 6.46 -8.49
C GLN A 53 26.37 5.45 -7.62
N LEU A 54 25.27 5.87 -6.99
CA LEU A 54 24.55 5.00 -6.08
C LEU A 54 23.91 3.84 -6.79
N THR A 55 23.25 4.14 -7.91
CA THR A 55 22.64 3.11 -8.75
C THR A 55 23.69 2.11 -9.23
N ALA A 56 24.88 2.59 -9.57
CA ALA A 56 25.94 1.66 -10.00
C ALA A 56 26.39 0.79 -8.84
N LEU A 57 26.44 1.38 -7.65
CA LEU A 57 26.81 0.62 -6.46
C LEU A 57 25.79 -0.49 -6.16
N THR A 58 24.50 -0.15 -6.18
CA THR A 58 23.51 -1.17 -5.88
C THR A 58 23.41 -2.24 -6.96
N ASP A 59 23.58 -1.86 -8.22
CA ASP A 59 23.67 -2.85 -9.29
C ASP A 59 24.80 -3.84 -9.02
N SER A 60 25.96 -3.33 -8.58
CA SER A 60 27.13 -4.17 -8.40
C SER A 60 26.98 -5.09 -7.18
N ILE A 61 26.31 -4.59 -6.15
CA ILE A 61 26.00 -5.38 -4.98
C ILE A 61 25.13 -6.59 -5.37
N ARG A 62 24.05 -6.33 -6.10
CA ARG A 62 23.17 -7.40 -6.57
C ARG A 62 23.85 -8.30 -7.59
N ALA A 63 24.85 -7.80 -8.30
CA ALA A 63 25.58 -8.67 -9.22
C ALA A 63 26.39 -9.73 -8.48
N VAL A 64 26.85 -9.42 -7.27
CA VAL A 64 27.56 -10.41 -6.48
C VAL A 64 26.58 -11.38 -5.82
N ARG A 65 25.49 -10.85 -5.27
CA ARG A 65 24.53 -11.65 -4.50
C ARG A 65 23.09 -11.26 -4.88
N GLU A 66 22.47 -12.02 -5.76
CA GLU A 66 21.19 -11.61 -6.38
C GLU A 66 20.02 -11.55 -5.39
N ASP A 67 20.14 -12.30 -4.30
CA ASP A 67 19.08 -12.42 -3.33
C ASP A 67 19.25 -11.45 -2.15
N ILE A 68 20.24 -10.57 -2.25
CA ILE A 68 20.57 -9.64 -1.15
C ILE A 68 19.46 -8.61 -0.92
N LEU A 69 19.26 -8.22 0.33
CA LEU A 69 18.37 -7.11 0.68
C LEU A 69 19.22 -5.85 0.88
N ILE A 70 18.82 -4.74 0.24
CA ILE A 70 19.48 -3.45 0.41
C ILE A 70 18.57 -2.44 1.08
N ALA A 71 19.06 -1.89 2.21
CA ALA A 71 18.29 -0.98 3.02
C ALA A 71 19.10 0.25 3.37
N VAL A 72 18.40 1.22 3.92
CA VAL A 72 18.94 2.49 4.32
C VAL A 72 18.01 3.07 5.40
N ASP A 73 18.55 3.92 6.27
CA ASP A 73 17.75 4.68 7.22
C ASP A 73 17.28 5.98 6.56
N HIS A 74 16.09 5.93 5.93
CA HIS A 74 15.43 7.14 5.45
C HIS A 74 14.13 7.37 6.22
N GLU A 75 14.26 8.15 7.30
CA GLU A 75 13.10 8.51 8.13
C GLU A 75 12.62 9.89 7.74
N GLY A 76 13.56 10.78 7.44
CA GLY A 76 13.28 12.20 7.32
C GLY A 76 13.85 12.96 8.51
N GLY A 77 13.93 14.28 8.40
CA GLY A 77 14.47 15.10 9.48
C GLY A 77 15.92 14.80 9.76
N ARG A 78 16.22 14.41 11.00
CA ARG A 78 17.58 14.18 11.40
C ARG A 78 18.13 12.84 10.95
N VAL A 79 17.29 11.94 10.42
CA VAL A 79 17.76 10.65 9.91
C VAL A 79 17.37 10.48 8.44
N GLN A 80 18.28 10.83 7.56
CA GLN A 80 18.11 10.69 6.13
C GLN A 80 19.50 10.72 5.50
N ARG A 81 19.95 9.57 5.04
CA ARG A 81 21.33 9.43 4.57
C ARG A 81 21.58 10.17 3.26
N PHE A 82 20.62 10.16 2.32
CA PHE A 82 20.79 10.79 1.00
C PHE A 82 19.92 12.02 0.94
N ARG A 83 20.56 13.20 0.83
CA ARG A 83 19.87 14.47 0.95
C ARG A 83 20.12 15.40 -0.22
N THR A 84 20.87 14.93 -1.21
CA THR A 84 21.34 15.76 -2.31
C THR A 84 21.09 15.06 -3.63
N ASP A 85 21.55 15.69 -4.71
CA ASP A 85 21.31 15.21 -6.07
C ASP A 85 19.89 14.68 -6.32
N GLY A 86 18.88 15.41 -5.90
CA GLY A 86 17.51 15.06 -6.24
C GLY A 86 16.74 14.26 -5.20
N PHE A 87 17.41 13.77 -4.16
CA PHE A 87 16.65 13.18 -3.06
C PHE A 87 15.92 14.32 -2.36
N THR A 88 14.61 14.15 -2.14
CA THR A 88 13.81 15.11 -1.43
C THR A 88 14.10 15.08 0.06
N VAL A 89 14.49 16.22 0.61
CA VAL A 89 14.66 16.31 2.06
C VAL A 89 13.28 16.26 2.69
N LEU A 90 13.08 15.22 3.50
CA LEU A 90 11.79 14.96 4.12
C LEU A 90 11.74 15.53 5.54
N PRO A 91 10.54 15.89 5.99
CA PRO A 91 10.39 16.48 7.31
C PRO A 91 10.65 15.46 8.42
N ALA A 92 10.99 15.93 9.61
CA ALA A 92 10.99 15.08 10.79
C ALA A 92 9.57 14.58 10.97
N MET A 93 9.40 13.34 11.44
CA MET A 93 8.05 12.78 11.58
C MET A 93 7.22 13.55 12.61
N ARG A 94 7.90 14.19 13.56
CA ARG A 94 7.22 15.04 14.51
C ARG A 94 6.40 16.13 13.81
N ARG A 95 6.87 16.62 12.66
CA ARG A 95 6.16 17.68 11.93
C ARG A 95 4.81 17.17 11.44
N LEU A 96 4.70 15.87 11.16
CA LEU A 96 3.44 15.29 10.71
C LEU A 96 2.42 15.20 11.83
N GLY A 97 2.88 14.94 13.07
CA GLY A 97 2.01 14.93 14.24
C GLY A 97 1.53 16.33 14.55
N GLU A 98 2.38 17.31 14.28
CA GLU A 98 1.97 18.71 14.51
C GLU A 98 0.91 19.12 13.49
N LEU A 99 1.05 18.62 12.26
CA LEU A 99 0.07 18.90 11.24
C LEU A 99 -1.25 18.23 11.60
N TRP A 100 -1.16 17.01 12.10
CA TRP A 100 -2.35 16.27 12.54
C TRP A 100 -3.14 17.03 13.59
N ASP A 101 -2.43 17.64 14.54
CA ASP A 101 -3.06 18.40 15.60
C ASP A 101 -3.86 19.60 15.04
N ARG A 102 -3.55 20.02 13.82
CA ARG A 102 -4.33 21.05 13.11
C ARG A 102 -5.40 20.50 12.15
N ASP A 103 -5.08 19.42 11.44
CA ASP A 103 -5.97 18.85 10.43
C ASP A 103 -5.60 17.37 10.24
N VAL A 104 -6.37 16.51 10.89
CA VAL A 104 -6.12 15.08 10.91
C VAL A 104 -6.05 14.49 9.50
N LEU A 105 -7.07 14.74 8.71
CA LEU A 105 -7.19 14.13 7.41
C LEU A 105 -6.09 14.61 6.49
N LEU A 106 -5.75 15.88 6.55
CA LEU A 106 -4.67 16.38 5.71
C LEU A 106 -3.33 15.73 6.10
N ALA A 107 -3.11 15.55 7.39
CA ALA A 107 -1.89 14.91 7.86
C ALA A 107 -1.76 13.48 7.28
N THR A 108 -2.86 12.74 7.22
CA THR A 108 -2.81 11.39 6.65
C THR A 108 -2.49 11.42 5.17
N LYS A 109 -2.99 12.46 4.48
CA LYS A 109 -2.77 12.61 3.06
C LYS A 109 -1.30 12.96 2.83
N VAL A 110 -0.77 13.86 3.65
CA VAL A 110 0.62 14.23 3.56
C VAL A 110 1.53 13.05 3.92
N ALA A 111 1.13 12.26 4.94
CA ALA A 111 1.95 11.11 5.36
C ALA A 111 2.14 10.15 4.19
N THR A 112 1.06 9.90 3.45
CA THR A 112 1.11 8.99 2.30
C THR A 112 2.01 9.51 1.19
N ALA A 113 1.90 10.81 0.89
CA ALA A 113 2.78 11.46 -0.06
C ALA A 113 4.28 11.35 0.31
N VAL A 114 4.60 11.61 1.59
CA VAL A 114 5.96 11.42 2.09
C VAL A 114 6.45 10.00 1.83
N GLY A 115 5.62 9.00 2.14
CA GLY A 115 6.04 7.63 1.97
C GLY A 115 6.23 7.27 0.50
N TYR A 116 5.40 7.85 -0.37
CA TYR A 116 5.55 7.56 -1.79
C TYR A 116 6.84 8.18 -2.35
N ILE A 117 7.10 9.44 -2.03
CA ILE A 117 8.34 10.10 -2.48
C ILE A 117 9.55 9.31 -1.98
N LEU A 118 9.52 8.98 -0.69
CA LEU A 118 10.60 8.30 0.01
C LEU A 118 10.95 7.01 -0.71
N ALA A 119 9.92 6.20 -0.91
CA ALA A 119 10.07 4.90 -1.53
C ALA A 119 10.46 4.96 -2.99
N ALA A 120 9.80 5.83 -3.75
CA ALA A 120 10.02 5.91 -5.18
C ALA A 120 11.43 6.37 -5.46
N GLU A 121 11.94 7.32 -4.68
CA GLU A 121 13.30 7.80 -4.90
C GLU A 121 14.35 6.72 -4.59
N LEU A 122 14.15 6.02 -3.48
CA LEU A 122 15.02 4.88 -3.14
C LEU A 122 14.96 3.77 -4.18
N ARG A 123 13.78 3.41 -4.68
CA ARG A 123 13.70 2.33 -5.66
C ARG A 123 14.37 2.74 -6.97
N ALA A 124 14.27 4.02 -7.29
CA ALA A 124 14.93 4.51 -8.48
C ALA A 124 16.45 4.31 -8.42
N CYS A 125 16.99 4.16 -7.21
CA CYS A 125 18.42 3.90 -7.04
C CYS A 125 18.74 2.44 -6.67
N GLY A 126 17.73 1.58 -6.73
CA GLY A 126 17.96 0.15 -6.58
C GLY A 126 17.97 -0.35 -5.15
N ILE A 127 17.31 0.39 -4.27
CA ILE A 127 17.26 0.06 -2.83
C ILE A 127 15.92 -0.60 -2.50
N ASP A 128 15.91 -1.63 -1.66
CA ASP A 128 14.69 -2.36 -1.37
C ASP A 128 13.79 -1.68 -0.36
N MET A 129 14.40 -1.14 0.69
CA MET A 129 13.63 -0.67 1.80
C MET A 129 14.33 0.38 2.62
N SER A 130 13.52 1.11 3.39
CA SER A 130 14.00 2.00 4.44
C SER A 130 13.57 1.51 5.81
N PHE A 131 14.42 1.70 6.80
CA PHE A 131 14.09 1.35 8.17
C PHE A 131 13.25 2.47 8.78
N THR A 132 11.99 2.48 8.39
CA THR A 132 11.00 3.48 8.82
C THR A 132 9.68 2.72 8.80
N PRO A 133 8.72 3.06 9.68
CA PRO A 133 8.59 4.20 10.59
C PRO A 133 8.97 3.95 12.04
N VAL A 134 9.46 5.02 12.66
CA VAL A 134 9.60 5.07 14.08
C VAL A 134 8.18 5.05 14.72
N LEU A 135 7.93 4.06 15.55
CA LEU A 135 6.66 3.99 16.29
C LEU A 135 6.82 4.36 17.76
N ASP A 136 8.05 4.71 18.16
CA ASP A 136 8.30 5.26 19.49
C ASP A 136 7.38 6.44 19.75
N LEU A 137 6.80 6.50 20.94
CA LEU A 137 5.88 7.60 21.26
C LEU A 137 6.66 8.81 21.72
N ASP A 138 6.19 9.99 21.33
CA ASP A 138 6.87 11.24 21.69
C ASP A 138 6.54 11.65 23.13
N TYR A 139 7.07 10.92 24.09
CA TYR A 139 6.97 11.28 25.50
C TYR A 139 7.79 12.55 25.82
N GLY A 140 8.79 12.79 24.99
CA GLY A 140 9.75 13.85 25.22
C GLY A 140 10.93 13.44 26.08
N HIS A 141 10.95 12.18 26.51
CA HIS A 141 12.00 11.67 27.43
C HIS A 141 13.32 11.33 26.78
N SER A 142 13.25 11.01 25.49
CA SER A 142 14.35 10.45 24.75
C SER A 142 14.91 11.45 23.75
N LYS A 143 16.16 11.85 23.95
CA LYS A 143 16.82 12.74 23.00
C LYS A 143 17.19 11.98 21.72
N VAL A 144 17.56 10.71 21.84
CA VAL A 144 17.95 9.95 20.64
C VAL A 144 16.78 9.81 19.67
N ILE A 145 15.56 9.61 20.19
CA ILE A 145 14.37 9.64 19.36
C ILE A 145 13.97 11.08 19.03
N GLY A 146 13.62 11.86 20.05
CA GLY A 146 13.28 13.26 19.83
C GLY A 146 12.27 13.44 18.71
N ASP A 147 12.57 14.31 17.73
CA ASP A 147 11.62 14.61 16.64
C ASP A 147 11.43 13.51 15.59
N ARG A 148 12.06 12.36 15.80
CA ARG A 148 11.84 11.21 14.92
C ARG A 148 10.50 10.54 15.22
N ALA A 149 9.92 10.85 16.38
CA ALA A 149 8.62 10.29 16.76
C ALA A 149 7.50 11.13 16.16
N PHE A 150 6.46 10.46 15.71
CA PHE A 150 5.29 11.11 15.12
C PHE A 150 4.50 11.98 16.08
N HIS A 151 4.21 11.46 17.26
CA HIS A 151 3.23 12.05 18.15
C HIS A 151 3.32 11.37 19.50
N ARG A 152 2.69 11.96 20.52
CA ARG A 152 2.61 11.35 21.84
C ARG A 152 1.59 10.20 21.93
N ASP A 153 0.47 10.36 21.24
CA ASP A 153 -0.68 9.48 21.32
C ASP A 153 -0.48 8.24 20.43
N PRO A 154 -0.51 7.03 21.04
CA PRO A 154 -0.30 5.81 20.23
C PRO A 154 -1.31 5.65 19.10
N ARG A 155 -2.53 6.14 19.30
CA ARG A 155 -3.54 6.06 18.24
C ARG A 155 -3.12 6.91 17.04
N VAL A 156 -2.51 8.08 17.32
CA VAL A 156 -2.09 9.00 16.27
C VAL A 156 -0.84 8.49 15.55
N VAL A 157 0.10 7.97 16.33
CA VAL A 157 1.27 7.33 15.77
C VAL A 157 0.82 6.24 14.82
N THR A 158 -0.15 5.45 15.24
CA THR A 158 -0.61 4.32 14.44
C THR A 158 -1.14 4.74 13.09
N LEU A 159 -2.04 5.73 13.07
CA LEU A 159 -2.71 6.09 11.83
C LEU A 159 -1.77 6.90 10.92
N LEU A 160 -0.91 7.75 11.47
CA LEU A 160 0.10 8.40 10.62
C LEU A 160 1.10 7.41 10.04
N ALA A 161 1.59 6.48 10.86
CA ALA A 161 2.53 5.49 10.36
C ALA A 161 1.86 4.64 9.30
N LYS A 162 0.59 4.32 9.50
CA LYS A 162 -0.13 3.47 8.57
C LYS A 162 -0.22 4.18 7.25
N SER A 163 -0.48 5.49 7.32
CA SER A 163 -0.59 6.28 6.12
C SER A 163 0.74 6.39 5.40
N LEU A 164 1.82 6.54 6.17
CA LEU A 164 3.17 6.51 5.59
C LEU A 164 3.42 5.18 4.91
N ASN A 165 3.14 4.09 5.63
CA ASN A 165 3.38 2.77 5.08
C ASN A 165 2.59 2.53 3.81
N HIS A 166 1.41 3.12 3.73
CA HIS A 166 0.61 2.99 2.53
C HIS A 166 1.36 3.63 1.34
N GLY A 167 1.90 4.82 1.55
CA GLY A 167 2.69 5.48 0.53
C GLY A 167 3.89 4.64 0.07
N LEU A 168 4.57 4.03 1.04
CA LEU A 168 5.68 3.14 0.74
C LEU A 168 5.20 2.01 -0.18
N SER A 169 4.06 1.42 0.17
CA SER A 169 3.50 0.29 -0.55
C SER A 169 3.15 0.63 -2.00
N LEU A 170 2.80 1.88 -2.23
CA LEU A 170 2.40 2.31 -3.58
C LEU A 170 3.58 2.22 -4.53
N ALA A 171 4.79 2.30 -3.99
CA ALA A 171 5.99 2.09 -4.80
C ALA A 171 6.53 0.66 -4.65
N GLY A 172 5.75 -0.22 -4.01
CA GLY A 172 6.19 -1.60 -3.82
C GLY A 172 7.17 -1.79 -2.68
N MET A 173 7.29 -0.80 -1.80
CA MET A 173 8.24 -0.89 -0.68
C MET A 173 7.55 -1.32 0.61
N ALA A 174 8.22 -2.20 1.34
CA ALA A 174 7.81 -2.61 2.67
C ALA A 174 8.15 -1.54 3.70
N ASN A 175 8.23 -1.93 4.97
CA ASN A 175 8.47 -0.98 6.07
C ASN A 175 9.03 -1.69 7.29
N CYS A 176 9.42 -0.94 8.30
CA CYS A 176 9.98 -1.54 9.51
C CYS A 176 9.75 -0.61 10.70
N GLY A 177 8.87 -1.04 11.60
CA GLY A 177 8.54 -0.29 12.77
C GLY A 177 9.61 -0.42 13.83
N LYS A 178 9.89 0.66 14.56
CA LYS A 178 10.99 0.61 15.53
C LYS A 178 10.77 1.67 16.60
N HIS A 179 11.39 1.54 17.77
CA HIS A 179 12.23 0.43 18.21
C HIS A 179 11.46 -0.34 19.29
N PHE A 180 10.99 -1.52 18.93
CA PHE A 180 10.08 -2.33 19.77
C PHE A 180 10.74 -2.80 21.09
N PRO A 181 10.01 -2.74 22.21
CA PRO A 181 8.61 -2.33 22.39
C PRO A 181 8.43 -0.83 22.63
N GLY A 182 9.50 -0.06 22.53
CA GLY A 182 9.42 1.38 22.64
C GLY A 182 10.66 2.01 23.24
N HIS A 183 11.28 2.90 22.46
CA HIS A 183 12.48 3.60 22.92
C HIS A 183 12.10 5.01 23.44
N GLY A 184 10.81 5.34 23.41
CA GLY A 184 10.39 6.70 23.69
C GLY A 184 10.35 7.14 25.16
N PHE A 185 10.34 6.19 26.08
CA PHE A 185 10.16 6.51 27.50
C PHE A 185 11.47 6.59 28.24
N ALA A 186 12.42 5.76 27.80
CA ALA A 186 13.74 5.69 28.39
C ALA A 186 14.53 6.96 28.14
N GLU A 187 15.40 7.31 29.09
CA GLU A 187 16.20 8.51 28.97
C GLU A 187 17.40 8.39 28.06
N ALA A 188 18.15 7.30 28.21
CA ALA A 188 19.48 7.23 27.61
C ALA A 188 19.50 6.84 26.13
N ASP A 189 20.63 7.14 25.49
CA ASP A 189 20.85 6.89 24.07
C ASP A 189 21.56 5.56 23.92
N SER A 190 20.90 4.62 23.24
CA SER A 190 21.43 3.27 23.11
C SER A 190 22.69 3.18 22.24
N HIS A 191 23.01 4.27 21.52
CA HIS A 191 24.27 4.27 20.74
C HIS A 191 25.45 4.26 21.66
N VAL A 192 25.28 4.88 22.83
CA VAL A 192 26.42 5.17 23.71
C VAL A 192 26.26 4.70 25.17
N ALA A 193 25.08 4.21 25.54
CA ALA A 193 24.87 3.73 26.90
C ALA A 193 23.80 2.66 26.84
N LEU A 194 23.48 2.03 27.98
CA LEU A 194 22.40 1.05 28.00
C LEU A 194 21.20 1.67 28.68
N PRO A 195 20.14 2.00 27.92
CA PRO A 195 18.96 2.61 28.52
C PRO A 195 18.07 1.62 29.29
N THR A 196 17.31 2.16 30.23
CA THR A 196 16.38 1.37 31.01
C THR A 196 15.00 2.00 31.02
N ASP A 197 14.02 1.13 31.26
CA ASP A 197 12.64 1.54 31.31
C ASP A 197 12.03 0.63 32.37
N ASP A 198 11.67 1.21 33.52
CA ASP A 198 11.24 0.40 34.65
C ASP A 198 9.74 0.29 34.81
N ARG A 199 8.98 0.51 33.74
CA ARG A 199 7.53 0.35 33.79
C ARG A 199 7.07 -1.11 33.79
N THR A 200 5.81 -1.32 34.13
CA THR A 200 5.23 -2.65 34.11
C THR A 200 5.04 -3.14 32.68
N LEU A 201 4.96 -4.45 32.51
CA LEU A 201 4.63 -5.02 31.19
C LEU A 201 3.34 -4.39 30.68
N ASP A 202 2.32 -4.37 31.53
CA ASP A 202 1.00 -3.88 31.09
C ASP A 202 1.00 -2.42 30.65
N ALA A 203 1.71 -1.56 31.37
CA ALA A 203 1.83 -0.16 30.94
C ALA A 203 2.50 -0.06 29.55
N ILE A 204 3.56 -0.83 29.35
CA ILE A 204 4.23 -0.85 28.06
C ILE A 204 3.30 -1.36 26.97
N LEU A 205 2.58 -2.44 27.25
CA LEU A 205 1.67 -3.01 26.25
C LEU A 205 0.54 -2.05 25.89
N GLU A 206 0.02 -1.33 26.88
CA GLU A 206 -1.16 -0.49 26.67
C GLU A 206 -0.88 0.72 25.79
N GLN A 207 0.36 1.20 25.81
CA GLN A 207 0.69 2.41 25.10
C GLN A 207 1.75 2.19 24.03
N ASP A 208 2.98 1.92 24.44
CA ASP A 208 4.08 1.87 23.48
C ASP A 208 3.95 0.76 22.44
N VAL A 209 3.39 -0.38 22.85
CA VAL A 209 3.30 -1.54 21.96
C VAL A 209 2.05 -1.46 21.06
N ALA A 210 1.10 -0.64 21.46
CA ALA A 210 -0.19 -0.60 20.80
C ALA A 210 -0.13 -0.37 19.28
N PRO A 211 0.76 0.52 18.81
CA PRO A 211 0.83 0.67 17.36
C PRO A 211 1.26 -0.60 16.62
N TYR A 212 2.14 -1.40 17.22
CA TYR A 212 2.56 -2.66 16.59
C TYR A 212 1.37 -3.60 16.46
N ASP A 213 0.55 -3.59 17.48
CA ASP A 213 -0.60 -4.48 17.49
C ASP A 213 -1.67 -3.94 16.54
N TRP A 214 -1.92 -2.63 16.56
CA TRP A 214 -3.03 -2.08 15.77
C TRP A 214 -2.77 -2.03 14.27
N LEU A 215 -1.50 -1.91 13.86
CA LEU A 215 -1.18 -1.85 12.46
C LEU A 215 -1.54 -3.10 11.71
N GLY A 216 -1.55 -4.26 12.38
CA GLY A 216 -1.86 -5.49 11.68
C GLY A 216 -0.97 -5.76 10.48
N LEU A 217 -1.56 -6.02 9.31
CA LEU A 217 -0.78 -6.34 8.14
C LEU A 217 -0.06 -5.13 7.55
N SER A 218 -0.36 -3.92 8.04
CA SER A 218 0.28 -2.70 7.54
C SER A 218 1.69 -2.57 8.07
N LEU A 219 2.04 -3.44 9.02
CA LEU A 219 3.40 -3.52 9.57
C LEU A 219 4.16 -4.74 9.00
N ALA A 220 5.25 -4.48 8.29
CA ALA A 220 6.00 -5.54 7.61
C ALA A 220 7.13 -6.16 8.43
N ALA A 221 7.70 -5.38 9.33
CA ALA A 221 8.89 -5.79 10.05
C ALA A 221 9.05 -4.93 11.27
N VAL A 222 9.97 -5.36 12.14
CA VAL A 222 10.27 -4.65 13.39
C VAL A 222 11.77 -4.62 13.63
N ILE A 223 12.30 -3.49 14.14
CA ILE A 223 13.60 -3.48 14.83
C ILE A 223 13.33 -3.33 16.30
N PRO A 224 13.91 -4.22 17.15
CA PRO A 224 13.76 -4.02 18.59
C PRO A 224 14.80 -3.09 19.19
N ALA A 225 14.43 -2.43 20.30
CA ALA A 225 15.32 -1.51 21.01
C ALA A 225 16.36 -2.27 21.82
N HIS A 226 17.55 -1.68 21.93
CA HIS A 226 18.56 -2.19 22.85
C HIS A 226 18.29 -1.53 24.19
N VAL A 227 17.13 -1.78 24.76
CA VAL A 227 16.72 -1.15 26.00
C VAL A 227 16.33 -2.29 26.90
N ILE A 228 16.68 -2.17 28.18
CA ILE A 228 16.26 -3.11 29.20
C ILE A 228 15.02 -2.63 29.90
N TYR A 229 13.99 -3.47 29.86
CA TYR A 229 12.71 -3.20 30.49
C TYR A 229 12.72 -4.03 31.77
N THR A 230 13.20 -3.40 32.84
CA THR A 230 13.64 -4.12 34.02
C THR A 230 12.55 -4.94 34.73
N GLN A 231 11.27 -4.58 34.58
CA GLN A 231 10.19 -5.38 35.16
C GLN A 231 9.68 -6.52 34.26
N VAL A 232 10.25 -6.68 33.08
CA VAL A 232 9.78 -7.69 32.14
C VAL A 232 10.88 -8.72 31.84
N ASP A 233 12.09 -8.24 31.60
CA ASP A 233 13.22 -9.11 31.33
C ASP A 233 14.51 -8.34 31.54
N LYS A 234 15.48 -9.04 32.09
CA LYS A 234 16.77 -8.45 32.42
C LYS A 234 17.59 -8.24 31.15
N ARG A 235 17.21 -8.93 30.08
CA ARG A 235 17.91 -8.82 28.81
C ARG A 235 17.31 -7.68 27.98
N PRO A 236 18.17 -6.90 27.29
CA PRO A 236 17.64 -5.90 26.37
C PRO A 236 16.70 -6.55 25.36
N ALA A 237 15.72 -5.79 24.86
CA ALA A 237 14.68 -6.36 24.02
C ALA A 237 15.16 -7.16 22.81
N GLY A 238 16.19 -6.68 22.11
CA GLY A 238 16.71 -7.40 20.98
C GLY A 238 17.36 -8.74 21.31
N PHE A 239 17.73 -8.94 22.58
CA PHE A 239 18.27 -10.22 23.05
C PHE A 239 17.28 -11.00 23.91
N SER A 240 16.00 -10.61 23.88
CA SER A 240 15.01 -11.13 24.80
C SER A 240 13.97 -11.96 24.10
N ARG A 241 13.97 -13.25 24.42
CA ARG A 241 12.94 -14.15 23.92
C ARG A 241 11.56 -13.75 24.46
N VAL A 242 11.52 -13.16 25.65
CA VAL A 242 10.27 -12.67 26.21
C VAL A 242 9.65 -11.60 25.31
N TRP A 243 10.44 -10.59 24.93
CA TRP A 243 9.89 -9.56 24.04
C TRP A 243 9.63 -10.05 22.62
N LEU A 244 10.58 -10.78 22.04
CA LEU A 244 10.53 -11.10 20.63
C LEU A 244 9.63 -12.27 20.32
N GLN A 245 9.62 -13.27 21.20
CA GLN A 245 8.76 -14.41 20.99
C GLN A 245 7.47 -14.32 21.81
N ASP A 246 7.57 -14.19 23.12
CA ASP A 246 6.37 -14.25 23.96
C ASP A 246 5.39 -13.09 23.65
N ILE A 247 5.90 -11.89 23.44
CA ILE A 247 5.05 -10.73 23.24
C ILE A 247 4.80 -10.55 21.74
N LEU A 248 5.87 -10.40 20.96
CA LEU A 248 5.68 -10.01 19.58
C LEU A 248 5.11 -11.12 18.70
N ARG A 249 5.73 -12.30 18.74
CA ARG A 249 5.22 -13.46 17.98
C ARG A 249 3.99 -14.06 18.66
N GLY A 250 4.01 -14.13 19.99
CA GLY A 250 2.96 -14.81 20.71
C GLY A 250 1.71 -13.98 20.88
N LYS A 251 1.79 -12.99 21.77
CA LYS A 251 0.65 -12.18 22.10
C LYS A 251 0.13 -11.42 20.87
N LEU A 252 1.03 -10.88 20.05
CA LEU A 252 0.64 -10.04 18.92
C LEU A 252 0.45 -10.81 17.63
N GLY A 253 0.97 -12.03 17.59
CA GLY A 253 0.85 -12.88 16.41
C GLY A 253 1.58 -12.34 15.21
N PHE A 254 2.64 -11.57 15.42
CA PHE A 254 3.34 -10.90 14.30
C PHE A 254 4.15 -11.93 13.52
N THR A 255 4.07 -11.85 12.19
CA THR A 255 4.77 -12.80 11.31
C THR A 255 5.75 -12.15 10.32
N GLY A 256 6.04 -10.86 10.52
CA GLY A 256 6.99 -10.14 9.70
C GLY A 256 8.41 -10.32 10.18
N ALA A 257 9.37 -9.76 9.44
CA ALA A 257 10.78 -9.92 9.76
C ALA A 257 11.14 -9.12 11.03
N ILE A 258 12.01 -9.68 11.86
CA ILE A 258 12.65 -8.94 12.94
C ILE A 258 14.15 -8.75 12.66
N PHE A 259 14.55 -7.49 12.60
CA PHE A 259 15.95 -7.11 12.39
C PHE A 259 16.50 -6.59 13.71
N SER A 260 17.64 -7.07 14.18
CA SER A 260 18.20 -6.47 15.39
C SER A 260 18.57 -5.01 15.12
N ASP A 261 18.57 -4.15 16.15
CA ASP A 261 19.24 -2.87 15.97
C ASP A 261 20.73 -3.19 15.93
N ASP A 262 21.51 -2.22 15.47
CA ASP A 262 22.92 -2.37 15.19
C ASP A 262 23.68 -2.93 16.42
N LEU A 263 24.30 -4.07 16.24
CA LEU A 263 25.04 -4.71 17.31
C LEU A 263 26.33 -3.98 17.67
N SER A 264 26.74 -3.02 16.83
CA SER A 264 27.90 -2.18 17.15
C SER A 264 27.61 -1.09 18.19
N MET A 265 26.35 -0.79 18.41
CA MET A 265 25.95 0.19 19.40
C MET A 265 26.34 -0.25 20.81
N GLU A 266 26.70 0.71 21.66
CA GLU A 266 27.20 0.37 22.99
C GLU A 266 26.18 -0.45 23.78
N ALA A 267 24.90 -0.12 23.67
CA ALA A 267 23.88 -0.85 24.44
C ALA A 267 23.90 -2.37 24.15
N ALA A 268 24.40 -2.75 22.97
CA ALA A 268 24.41 -4.12 22.51
C ALA A 268 25.61 -4.90 23.01
N ARG A 269 26.54 -4.24 23.67
CA ARG A 269 27.65 -4.99 24.25
C ARG A 269 27.20 -5.70 25.54
N GLU A 270 25.96 -5.44 25.94
CA GLU A 270 25.32 -6.18 27.02
C GLU A 270 25.15 -7.65 26.60
N GLY A 271 25.35 -7.95 25.31
CA GLY A 271 25.19 -9.28 24.77
C GLY A 271 26.47 -10.07 24.58
N GLY A 272 27.63 -9.41 24.69
CA GLY A 272 28.93 -10.06 24.60
C GLY A 272 29.80 -9.58 23.45
N THR A 273 30.75 -10.42 23.01
CA THR A 273 31.47 -10.20 21.73
C THR A 273 30.43 -10.02 20.64
N LEU A 274 30.83 -9.52 19.48
CA LEU A 274 29.85 -9.31 18.43
C LEU A 274 29.19 -10.61 18.02
N THR A 275 29.98 -11.67 17.88
CA THR A 275 29.48 -12.96 17.45
C THR A 275 28.50 -13.52 18.50
N GLN A 276 28.84 -13.37 19.78
CA GLN A 276 27.97 -13.83 20.88
C GLN A 276 26.67 -13.04 20.92
N ALA A 277 26.75 -11.74 20.67
CA ALA A 277 25.56 -10.91 20.67
C ALA A 277 24.66 -11.29 19.51
N ALA A 278 25.27 -11.57 18.36
CA ALA A 278 24.52 -11.97 17.18
C ALA A 278 23.80 -13.30 17.42
N ASP A 279 24.52 -14.26 17.98
CA ASP A 279 23.91 -15.53 18.35
C ASP A 279 22.72 -15.29 19.28
N ALA A 280 22.89 -14.38 20.22
CA ALA A 280 21.88 -14.16 21.23
C ALA A 280 20.66 -13.50 20.63
N ALA A 281 20.87 -12.58 19.69
CA ALA A 281 19.76 -11.90 19.05
C ALA A 281 18.97 -12.88 18.20
N LEU A 282 19.68 -13.71 17.45
CA LEU A 282 18.97 -14.70 16.64
C LEU A 282 18.27 -15.75 17.50
N ALA A 283 18.90 -16.23 18.58
CA ALA A 283 18.23 -17.17 19.50
C ALA A 283 16.97 -16.55 20.12
N ALA A 284 17.02 -15.26 20.37
CA ALA A 284 15.90 -14.55 20.96
C ALA A 284 14.72 -14.47 20.02
N GLY A 285 14.98 -14.46 18.72
CA GLY A 285 13.92 -14.33 17.72
C GLY A 285 14.13 -13.31 16.58
N CYS A 286 15.30 -12.69 16.48
CA CYS A 286 15.61 -11.89 15.29
C CYS A 286 15.84 -12.82 14.12
N ASP A 287 15.34 -12.41 12.95
CA ASP A 287 15.59 -13.08 11.70
C ASP A 287 16.89 -12.60 11.03
N MET A 288 17.25 -11.35 11.27
CA MET A 288 18.47 -10.77 10.73
C MET A 288 19.12 -9.94 11.82
N VAL A 289 20.45 -9.84 11.80
CA VAL A 289 21.16 -8.93 12.69
C VAL A 289 21.91 -7.88 11.87
N LEU A 290 21.89 -6.65 12.38
CA LEU A 290 22.68 -5.58 11.78
C LEU A 290 24.04 -5.47 12.45
N VAL A 291 25.10 -5.44 11.66
CA VAL A 291 26.41 -5.07 12.18
C VAL A 291 26.97 -3.94 11.32
N CYS A 292 26.92 -2.72 11.85
CA CYS A 292 27.26 -1.54 11.07
C CYS A 292 28.62 -0.97 11.39
N ASN A 293 29.24 -0.41 10.37
CA ASN A 293 30.43 0.42 10.51
C ASN A 293 31.70 -0.29 10.97
N GLN A 294 31.73 -1.62 10.84
CA GLN A 294 32.95 -2.39 11.06
C GLN A 294 32.87 -3.70 10.28
N PRO A 295 33.01 -3.61 8.94
CA PRO A 295 32.82 -4.77 8.05
C PRO A 295 33.76 -5.93 8.38
N ASP A 296 34.99 -5.66 8.80
CA ASP A 296 35.86 -6.79 9.18
C ASP A 296 35.38 -7.52 10.47
N ALA A 297 34.86 -6.78 11.43
CA ALA A 297 34.25 -7.42 12.59
C ALA A 297 32.97 -8.13 12.18
N ALA A 298 32.24 -7.56 11.23
CA ALA A 298 31.05 -8.25 10.70
C ALA A 298 31.47 -9.58 10.08
N GLU A 299 32.64 -9.60 9.47
CA GLU A 299 33.13 -10.82 8.80
C GLU A 299 33.45 -11.90 9.80
N VAL A 300 33.93 -11.52 10.97
CA VAL A 300 34.18 -12.49 12.04
C VAL A 300 32.82 -13.07 12.46
N VAL A 301 31.79 -12.22 12.54
CA VAL A 301 30.46 -12.71 12.87
C VAL A 301 29.94 -13.71 11.84
N LEU A 302 30.09 -13.37 10.57
CA LEU A 302 29.64 -14.23 9.47
C LEU A 302 30.20 -15.65 9.59
N ASN A 303 31.49 -15.72 9.88
CA ASN A 303 32.18 -16.98 9.95
C ASN A 303 32.05 -17.72 11.27
N GLY A 304 31.63 -17.02 12.31
CA GLY A 304 31.56 -17.61 13.65
C GLY A 304 30.16 -17.94 14.18
N LEU A 305 29.15 -17.50 13.45
CA LEU A 305 27.76 -17.66 13.88
C LEU A 305 27.43 -19.12 14.15
N LYS A 306 26.76 -19.38 15.26
CA LYS A 306 26.39 -20.75 15.53
C LYS A 306 25.20 -21.14 14.64
N ALA A 307 25.15 -22.42 14.30
CA ALA A 307 24.11 -22.92 13.42
C ALA A 307 22.75 -22.88 14.11
N ARG A 308 21.72 -22.62 13.32
CA ARG A 308 20.36 -22.49 13.82
C ARG A 308 19.38 -22.84 12.70
N ALA A 309 18.14 -23.13 13.05
CA ALA A 309 17.08 -23.26 12.05
C ALA A 309 16.82 -21.86 11.48
N SER A 310 16.74 -21.74 10.16
CA SER A 310 16.58 -20.45 9.50
C SER A 310 15.42 -20.39 8.51
N ALA A 311 14.71 -21.48 8.32
CA ALA A 311 13.79 -21.57 7.18
C ALA A 311 12.67 -20.54 7.38
N GLU A 312 12.17 -20.43 8.60
CA GLU A 312 11.10 -19.47 8.91
C GLU A 312 11.59 -18.05 8.72
N SER A 313 12.81 -17.80 9.15
CA SER A 313 13.43 -16.48 8.97
C SER A 313 13.60 -16.13 7.48
N VAL A 314 14.05 -17.09 6.68
CA VAL A 314 14.29 -16.82 5.26
C VAL A 314 13.00 -16.39 4.55
N ARG A 315 11.87 -17.02 4.88
CA ARG A 315 10.60 -16.61 4.28
C ARG A 315 10.35 -15.13 4.55
N ARG A 316 10.55 -14.72 5.80
CA ARG A 316 10.30 -13.34 6.19
C ARG A 316 11.28 -12.36 5.51
N ILE A 317 12.56 -12.73 5.46
CA ILE A 317 13.57 -11.88 4.83
C ILE A 317 13.25 -11.67 3.35
N LYS A 318 12.92 -12.75 2.63
CA LYS A 318 12.61 -12.59 1.21
C LYS A 318 11.41 -11.65 0.98
N ARG A 319 10.49 -11.62 1.92
CA ARG A 319 9.30 -10.77 1.81
C ARG A 319 9.59 -9.28 2.02
N MET A 320 10.82 -8.95 2.40
CA MET A 320 11.22 -7.54 2.57
C MET A 320 11.75 -6.94 1.25
N ARG A 321 11.99 -7.78 0.25
CA ARG A 321 12.44 -7.29 -1.04
C ARG A 321 11.35 -6.43 -1.65
N ALA A 322 11.72 -5.35 -2.31
CA ALA A 322 10.73 -4.51 -2.97
C ALA A 322 9.96 -5.32 -4.03
N ARG A 323 8.68 -5.00 -4.19
CA ARG A 323 7.80 -5.71 -5.11
C ARG A 323 7.57 -5.00 -6.43
N GLY A 324 7.58 -5.78 -7.51
CA GLY A 324 7.28 -5.24 -8.82
C GLY A 324 8.38 -4.34 -9.36
N LYS A 325 8.11 -3.70 -10.48
CA LYS A 325 9.11 -2.89 -11.14
C LYS A 325 9.13 -1.52 -10.52
N ALA A 326 10.29 -0.90 -10.48
CA ALA A 326 10.39 0.50 -10.07
C ALA A 326 10.62 1.35 -11.29
N LEU A 327 10.14 2.59 -11.27
CA LEU A 327 10.49 3.59 -12.27
C LEU A 327 11.90 4.09 -12.03
N LYS A 328 12.69 4.21 -13.09
CA LYS A 328 13.99 4.84 -12.95
C LYS A 328 13.76 6.33 -12.85
N TRP A 329 14.80 7.05 -12.47
CA TRP A 329 14.71 8.49 -12.28
C TRP A 329 14.16 9.23 -13.49
N ASP A 330 14.58 8.83 -14.69
CA ASP A 330 14.17 9.57 -15.89
C ASP A 330 12.67 9.50 -16.14
N LYS A 331 11.99 8.49 -15.59
CA LYS A 331 10.53 8.42 -15.68
C LYS A 331 9.87 8.99 -14.44
N LEU A 332 10.49 8.78 -13.29
CA LEU A 332 9.92 9.24 -12.05
C LEU A 332 9.77 10.76 -12.04
N ILE A 333 10.77 11.46 -12.60
CA ILE A 333 10.80 12.91 -12.55
C ILE A 333 9.67 13.54 -13.38
N ALA A 334 9.10 12.75 -14.30
CA ALA A 334 7.97 13.24 -15.09
C ALA A 334 6.62 12.68 -14.64
N GLN A 335 6.61 11.88 -13.57
CA GLN A 335 5.38 11.22 -13.17
C GLN A 335 4.43 12.12 -12.42
N PRO A 336 3.20 12.29 -12.93
CA PRO A 336 2.27 13.20 -12.22
C PRO A 336 2.06 12.91 -10.72
N GLU A 337 2.01 11.63 -10.33
CA GLU A 337 1.76 11.28 -8.94
C GLU A 337 2.92 11.80 -8.10
N TYR A 338 4.13 11.55 -8.57
CA TYR A 338 5.33 12.02 -7.91
C TYR A 338 5.31 13.52 -7.82
N LEU A 339 5.00 14.18 -8.93
CA LEU A 339 4.94 15.63 -8.97
C LEU A 339 3.90 16.18 -8.03
N GLN A 340 2.72 15.56 -8.00
CA GLN A 340 1.62 15.95 -7.09
C GLN A 340 2.05 15.84 -5.62
N ALA A 341 2.71 14.74 -5.27
CA ALA A 341 3.16 14.50 -3.92
C ALA A 341 4.14 15.56 -3.45
N GLN A 342 5.08 15.91 -4.33
CA GLN A 342 6.07 16.94 -4.10
C GLN A 342 5.40 18.26 -3.79
N ALA A 343 4.37 18.61 -4.57
CA ALA A 343 3.64 19.88 -4.40
C ALA A 343 2.87 19.94 -3.10
N LEU A 344 2.31 18.81 -2.71
CA LEU A 344 1.56 18.71 -1.47
C LEU A 344 2.48 18.86 -0.27
N LEU A 345 3.63 18.19 -0.31
CA LEU A 345 4.59 18.28 0.79
C LEU A 345 5.08 19.72 0.97
N SER A 346 5.45 20.34 -0.15
CA SER A 346 5.84 21.75 -0.17
C SER A 346 4.76 22.69 0.43
N SER A 347 3.52 22.57 -0.02
CA SER A 347 2.47 23.45 0.46
C SER A 347 2.05 23.17 1.90
N ALA A 348 1.97 21.90 2.29
CA ALA A 348 1.30 21.54 3.53
C ALA A 348 2.13 21.81 4.77
N LEU A 349 3.46 21.81 4.61
CA LEU A 349 4.36 21.99 5.74
C LEU A 349 5.02 23.39 5.74
N ALA A 350 6.34 23.41 5.90
N THR B 11 0.55 -3.92 -28.53
CA THR B 11 -0.36 -2.78 -28.69
C THR B 11 -0.41 -1.94 -27.40
N THR B 12 -1.16 -0.85 -27.46
CA THR B 12 -1.51 -0.10 -26.26
C THR B 12 -3.01 -0.22 -25.98
N PRO B 13 -3.39 -0.18 -24.70
CA PRO B 13 -4.81 -0.34 -24.40
C PRO B 13 -5.69 0.82 -24.88
N GLY B 14 -6.85 0.44 -25.39
CA GLY B 14 -7.83 1.40 -25.87
C GLY B 14 -8.71 1.80 -24.72
N PRO B 15 -9.72 2.62 -25.00
CA PRO B 15 -10.59 3.17 -23.94
C PRO B 15 -11.79 2.32 -23.57
N VAL B 16 -12.09 1.24 -24.29
CA VAL B 16 -13.31 0.51 -23.98
C VAL B 16 -13.06 -0.70 -23.06
N MET B 17 -13.83 -0.76 -21.98
CA MET B 17 -13.90 -1.94 -21.14
C MET B 17 -15.25 -2.59 -21.37
N LEU B 18 -15.21 -3.86 -21.76
CA LEU B 18 -16.41 -4.60 -22.11
C LEU B 18 -16.36 -5.94 -21.42
N ASP B 19 -17.36 -6.76 -21.63
CA ASP B 19 -17.33 -8.11 -21.08
C ASP B 19 -17.26 -9.14 -22.19
N VAL B 20 -16.91 -10.37 -21.82
CA VAL B 20 -16.86 -11.47 -22.76
C VAL B 20 -18.16 -12.25 -22.60
N VAL B 21 -18.55 -13.08 -23.56
CA VAL B 21 -19.90 -13.63 -23.48
C VAL B 21 -20.05 -14.74 -22.44
N GLY B 22 -19.02 -15.53 -22.17
CA GLY B 22 -19.21 -16.69 -21.31
C GLY B 22 -18.00 -17.14 -20.49
N THR B 23 -18.02 -18.41 -20.14
CA THR B 23 -17.05 -18.97 -19.20
C THR B 23 -15.76 -19.42 -19.92
N THR B 24 -15.84 -19.46 -21.25
CA THR B 24 -14.70 -19.77 -22.12
C THR B 24 -14.84 -18.81 -23.30
N LEU B 25 -13.73 -18.32 -23.85
CA LEU B 25 -13.78 -17.34 -24.92
C LEU B 25 -14.28 -17.91 -26.23
N SER B 26 -15.07 -17.11 -26.94
CA SER B 26 -15.53 -17.45 -28.28
C SER B 26 -14.65 -16.69 -29.27
N ARG B 27 -14.78 -17.01 -30.57
CA ARG B 27 -14.06 -16.29 -31.60
C ARG B 27 -14.49 -14.82 -31.67
N ASP B 28 -15.76 -14.58 -31.38
CA ASP B 28 -16.27 -13.22 -31.35
C ASP B 28 -15.60 -12.40 -30.21
N ASP B 29 -15.47 -13.01 -29.04
CA ASP B 29 -14.78 -12.35 -27.94
C ASP B 29 -13.37 -12.01 -28.38
N ALA B 30 -12.68 -13.01 -28.94
CA ALA B 30 -11.31 -12.81 -29.38
C ALA B 30 -11.21 -11.64 -30.38
N ARG B 31 -12.16 -11.54 -31.31
CA ARG B 31 -12.15 -10.44 -32.27
C ARG B 31 -12.25 -9.08 -31.56
N ARG B 32 -13.09 -9.00 -30.52
CA ARG B 32 -13.29 -7.76 -29.79
C ARG B 32 -12.08 -7.43 -28.95
N LEU B 33 -11.43 -8.45 -28.39
CA LEU B 33 -10.32 -8.22 -27.49
C LEU B 33 -9.12 -7.71 -28.24
N ALA B 34 -9.04 -8.07 -29.51
CA ALA B 34 -7.97 -7.70 -30.42
C ALA B 34 -8.16 -6.29 -30.98
N HIS B 35 -9.36 -5.73 -30.83
CA HIS B 35 -9.65 -4.40 -31.38
C HIS B 35 -8.79 -3.35 -30.69
N PRO B 36 -8.22 -2.41 -31.46
CA PRO B 36 -7.35 -1.41 -30.81
C PRO B 36 -8.06 -0.50 -29.79
N ASN B 37 -9.38 -0.36 -29.89
CA ASN B 37 -10.13 0.42 -28.90
C ASN B 37 -10.55 -0.33 -27.64
N THR B 38 -10.21 -1.61 -27.58
CA THR B 38 -10.40 -2.37 -26.36
C THR B 38 -9.19 -2.19 -25.43
N GLY B 39 -9.51 -1.89 -24.16
CA GLY B 39 -8.51 -1.73 -23.13
C GLY B 39 -8.73 -2.56 -21.89
N GLY B 40 -9.94 -3.11 -21.74
CA GLY B 40 -10.27 -3.89 -20.58
C GLY B 40 -11.41 -4.85 -20.73
N VAL B 41 -11.48 -5.75 -19.75
CA VAL B 41 -12.60 -6.66 -19.56
C VAL B 41 -13.10 -6.55 -18.13
N ILE B 42 -14.42 -6.53 -17.98
CA ILE B 42 -15.06 -6.58 -16.68
C ILE B 42 -15.84 -7.89 -16.60
N LEU B 43 -15.60 -8.60 -15.50
CA LEU B 43 -16.20 -9.91 -15.26
C LEU B 43 -17.38 -9.79 -14.31
N PHE B 44 -18.32 -10.72 -14.47
CA PHE B 44 -19.56 -10.78 -13.71
C PHE B 44 -19.75 -12.21 -13.20
N ALA B 45 -20.81 -12.42 -12.42
CA ALA B 45 -21.09 -13.73 -11.85
C ALA B 45 -21.16 -14.80 -12.92
N ARG B 46 -21.73 -14.47 -14.08
CA ARG B 46 -21.95 -15.48 -15.09
C ARG B 46 -20.66 -16.03 -15.65
N HIS B 47 -19.56 -15.31 -15.43
CA HIS B 47 -18.28 -15.76 -15.92
C HIS B 47 -17.56 -16.66 -14.95
N PHE B 48 -18.22 -17.05 -13.85
CA PHE B 48 -17.58 -17.85 -12.83
C PHE B 48 -18.29 -19.15 -12.54
N GLN B 49 -17.60 -20.24 -12.80
CA GLN B 49 -18.07 -21.55 -12.39
C GLN B 49 -17.22 -22.03 -11.22
N ASN B 50 -15.91 -21.90 -11.36
CA ASN B 50 -14.95 -22.24 -10.30
C ASN B 50 -13.60 -21.60 -10.58
N ARG B 51 -12.65 -21.71 -9.66
CA ARG B 51 -11.35 -21.05 -9.81
C ARG B 51 -10.55 -21.54 -11.01
N ALA B 52 -10.55 -22.85 -11.23
CA ALA B 52 -9.82 -23.41 -12.32
C ALA B 52 -10.32 -22.83 -13.66
N GLN B 53 -11.63 -22.79 -13.82
CA GLN B 53 -12.24 -22.28 -15.04
C GLN B 53 -11.98 -20.77 -15.15
N LEU B 54 -12.01 -20.06 -14.03
CA LEU B 54 -11.86 -18.61 -14.04
C LEU B 54 -10.44 -18.24 -14.43
N THR B 55 -9.47 -18.98 -13.87
CA THR B 55 -8.05 -18.75 -14.15
C THR B 55 -7.74 -19.07 -15.59
N ALA B 56 -8.33 -20.13 -16.09
CA ALA B 56 -8.19 -20.43 -17.50
C ALA B 56 -8.76 -19.31 -18.36
N LEU B 57 -9.91 -18.78 -17.96
CA LEU B 57 -10.54 -17.70 -18.72
C LEU B 57 -9.64 -16.47 -18.74
N THR B 58 -9.14 -16.04 -17.58
CA THR B 58 -8.29 -14.86 -17.57
C THR B 58 -6.95 -15.12 -18.31
N ASP B 59 -6.37 -16.30 -18.18
CA ASP B 59 -5.21 -16.63 -18.98
C ASP B 59 -5.54 -16.48 -20.47
N SER B 60 -6.68 -17.03 -20.91
CA SER B 60 -7.02 -17.00 -22.34
C SER B 60 -7.21 -15.57 -22.85
N ILE B 61 -7.76 -14.69 -22.02
CA ILE B 61 -7.98 -13.29 -22.34
C ILE B 61 -6.64 -12.58 -22.52
N ARG B 62 -5.69 -12.82 -21.63
CA ARG B 62 -4.39 -12.19 -21.72
C ARG B 62 -3.60 -12.72 -22.89
N ALA B 63 -3.86 -13.97 -23.25
CA ALA B 63 -3.21 -14.58 -24.41
C ALA B 63 -3.62 -13.87 -25.71
N VAL B 64 -4.84 -13.32 -25.75
CA VAL B 64 -5.28 -12.55 -26.91
C VAL B 64 -4.67 -11.15 -26.85
N ARG B 65 -4.79 -10.51 -25.70
CA ARG B 65 -4.41 -9.10 -25.55
C ARG B 65 -3.58 -8.96 -24.27
N GLU B 66 -2.26 -8.95 -24.42
CA GLU B 66 -1.34 -9.03 -23.30
C GLU B 66 -1.48 -7.84 -22.37
N ASP B 67 -1.87 -6.70 -22.94
CA ASP B 67 -1.93 -5.41 -22.25
C ASP B 67 -3.31 -5.07 -21.65
N ILE B 68 -4.21 -6.05 -21.67
CA ILE B 68 -5.58 -5.84 -21.24
C ILE B 68 -5.65 -5.73 -19.71
N LEU B 69 -6.58 -4.89 -19.24
CA LEU B 69 -6.94 -4.77 -17.85
C LEU B 69 -8.16 -5.64 -17.54
N ILE B 70 -8.06 -6.48 -16.52
CA ILE B 70 -9.15 -7.37 -16.14
C ILE B 70 -9.65 -6.97 -14.76
N ALA B 71 -10.91 -6.54 -14.74
CA ALA B 71 -11.58 -6.06 -13.52
C ALA B 71 -12.84 -6.85 -13.13
N VAL B 72 -13.27 -6.69 -11.89
CA VAL B 72 -14.52 -7.25 -11.39
C VAL B 72 -15.07 -6.32 -10.29
N ASP B 73 -16.37 -6.43 -10.01
CA ASP B 73 -16.96 -5.78 -8.83
C ASP B 73 -16.93 -6.70 -7.61
N HIS B 74 -15.85 -6.59 -6.85
CA HIS B 74 -15.76 -7.23 -5.53
C HIS B 74 -15.70 -6.18 -4.45
N GLU B 75 -16.86 -5.86 -3.91
CA GLU B 75 -16.97 -4.92 -2.85
C GLU B 75 -17.10 -5.69 -1.53
N GLY B 76 -17.88 -6.77 -1.57
CA GLY B 76 -18.33 -7.45 -0.37
C GLY B 76 -19.84 -7.24 -0.21
N GLY B 77 -20.47 -8.02 0.65
CA GLY B 77 -21.89 -7.84 0.89
C GLY B 77 -22.70 -8.16 -0.36
N ARG B 78 -23.53 -7.21 -0.76
CA ARG B 78 -24.42 -7.40 -1.89
C ARG B 78 -23.74 -7.39 -3.25
N VAL B 79 -22.47 -6.96 -3.28
CA VAL B 79 -21.72 -6.90 -4.54
C VAL B 79 -20.42 -7.66 -4.42
N GLN B 80 -20.45 -8.91 -4.87
CA GLN B 80 -19.29 -9.80 -4.90
C GLN B 80 -19.62 -10.92 -5.87
N ARG B 81 -18.94 -10.97 -7.01
CA ARG B 81 -19.35 -11.90 -8.06
C ARG B 81 -18.95 -13.34 -7.83
N PHE B 82 -17.80 -13.55 -7.19
CA PHE B 82 -17.27 -14.88 -6.96
C PHE B 82 -17.37 -15.19 -5.47
N ARG B 83 -18.22 -16.16 -5.11
CA ARG B 83 -18.52 -16.43 -3.70
C ARG B 83 -18.34 -17.90 -3.30
N THR B 84 -17.77 -18.69 -4.20
CA THR B 84 -17.70 -20.14 -4.04
C THR B 84 -16.33 -20.65 -4.43
N ASP B 85 -16.11 -21.95 -4.21
CA ASP B 85 -14.86 -22.63 -4.54
C ASP B 85 -13.67 -22.02 -3.81
N GLY B 86 -13.90 -21.59 -2.58
CA GLY B 86 -12.81 -21.11 -1.74
C GLY B 86 -12.76 -19.60 -1.61
N PHE B 87 -13.38 -18.87 -2.54
CA PHE B 87 -13.52 -17.41 -2.36
C PHE B 87 -14.14 -17.09 -1.02
N THR B 88 -13.54 -16.11 -0.35
CA THR B 88 -14.05 -15.67 0.94
C THR B 88 -15.20 -14.72 0.71
N VAL B 89 -16.33 -15.04 1.30
CA VAL B 89 -17.47 -14.15 1.27
C VAL B 89 -17.19 -12.99 2.20
N LEU B 90 -17.24 -11.76 1.66
CA LEU B 90 -16.76 -10.60 2.40
C LEU B 90 -17.95 -9.81 2.92
N PRO B 91 -17.77 -9.09 4.04
CA PRO B 91 -18.84 -8.32 4.66
C PRO B 91 -19.25 -7.14 3.81
N ALA B 92 -20.48 -6.69 3.99
CA ALA B 92 -20.92 -5.41 3.46
C ALA B 92 -20.03 -4.36 4.07
N MET B 93 -19.69 -3.31 3.31
CA MET B 93 -18.76 -2.32 3.85
C MET B 93 -19.37 -1.59 5.05
N ARG B 94 -20.70 -1.52 5.10
CA ARG B 94 -21.38 -0.96 6.27
C ARG B 94 -20.93 -1.62 7.58
N ARG B 95 -20.57 -2.90 7.54
CA ARG B 95 -20.15 -3.63 8.75
C ARG B 95 -18.87 -3.03 9.31
N LEU B 96 -18.02 -2.49 8.46
CA LEU B 96 -16.78 -1.91 8.93
C LEU B 96 -17.01 -0.55 9.61
N GLY B 97 -17.97 0.22 9.09
CA GLY B 97 -18.37 1.44 9.72
C GLY B 97 -19.01 1.15 11.10
N GLU B 98 -19.76 0.06 11.20
CA GLU B 98 -20.35 -0.36 12.49
C GLU B 98 -19.27 -0.76 13.53
N LEU B 99 -18.28 -1.51 13.08
CA LEU B 99 -17.15 -1.86 13.94
C LEU B 99 -16.39 -0.61 14.36
N TRP B 100 -16.20 0.35 13.44
CA TRP B 100 -15.51 1.58 13.75
C TRP B 100 -16.20 2.29 14.91
N ASP B 101 -17.52 2.30 14.87
CA ASP B 101 -18.29 2.97 15.90
C ASP B 101 -18.02 2.34 17.27
N ARG B 102 -17.60 1.08 17.29
CA ARG B 102 -17.22 0.38 18.53
C ARG B 102 -15.73 0.51 18.88
N ASP B 103 -14.87 0.56 17.86
CA ASP B 103 -13.42 0.46 18.05
C ASP B 103 -12.78 0.93 16.77
N VAL B 104 -12.40 2.21 16.77
CA VAL B 104 -11.87 2.84 15.58
C VAL B 104 -10.63 2.10 15.08
N LEU B 105 -9.70 1.82 15.98
CA LEU B 105 -8.44 1.25 15.53
C LEU B 105 -8.55 -0.19 15.10
N LEU B 106 -9.33 -0.97 15.81
CA LEU B 106 -9.55 -2.33 15.38
C LEU B 106 -10.19 -2.32 13.99
N ALA B 107 -11.12 -1.39 13.77
CA ALA B 107 -11.79 -1.32 12.46
C ALA B 107 -10.79 -1.07 11.32
N THR B 108 -9.81 -0.22 11.54
CA THR B 108 -8.81 0.04 10.50
C THR B 108 -7.97 -1.21 10.20
N LYS B 109 -7.67 -1.96 11.26
CA LYS B 109 -6.90 -3.19 11.15
C LYS B 109 -7.69 -4.24 10.36
N VAL B 110 -9.00 -4.33 10.63
CA VAL B 110 -9.86 -5.28 9.94
C VAL B 110 -10.05 -4.89 8.49
N ALA B 111 -10.16 -3.59 8.21
CA ALA B 111 -10.38 -3.16 6.83
C ALA B 111 -9.17 -3.52 5.95
N THR B 112 -7.97 -3.39 6.50
CA THR B 112 -6.76 -3.81 5.76
C THR B 112 -6.81 -5.32 5.53
N ALA B 113 -7.21 -6.09 6.55
CA ALA B 113 -7.29 -7.55 6.39
C ALA B 113 -8.27 -7.93 5.27
N VAL B 114 -9.43 -7.30 5.27
CA VAL B 114 -10.44 -7.49 4.21
C VAL B 114 -9.87 -7.20 2.82
N GLY B 115 -9.15 -6.09 2.71
CA GLY B 115 -8.58 -5.67 1.46
C GLY B 115 -7.58 -6.67 0.97
N TYR B 116 -6.75 -7.16 1.89
CA TYR B 116 -5.72 -8.10 1.51
C TYR B 116 -6.36 -9.41 0.99
N ILE B 117 -7.34 -9.93 1.72
CA ILE B 117 -8.00 -11.16 1.30
C ILE B 117 -8.65 -10.97 -0.08
N LEU B 118 -9.36 -9.88 -0.21
CA LEU B 118 -10.08 -9.56 -1.44
C LEU B 118 -9.13 -9.57 -2.64
N ALA B 119 -8.07 -8.81 -2.50
CA ALA B 119 -7.12 -8.67 -3.58
C ALA B 119 -6.33 -9.95 -3.86
N ALA B 120 -5.85 -10.63 -2.81
CA ALA B 120 -5.01 -11.78 -3.01
C ALA B 120 -5.82 -12.90 -3.67
N GLU B 121 -7.08 -13.04 -3.31
CA GLU B 121 -7.89 -14.11 -3.91
C GLU B 121 -8.12 -13.86 -5.38
N LEU B 122 -8.38 -12.61 -5.73
CA LEU B 122 -8.50 -12.24 -7.12
C LEU B 122 -7.22 -12.40 -7.91
N ARG B 123 -6.07 -12.02 -7.34
CA ARG B 123 -4.77 -12.17 -8.03
C ARG B 123 -4.49 -13.63 -8.32
N ALA B 124 -4.86 -14.52 -7.40
CA ALA B 124 -4.65 -15.93 -7.57
C ALA B 124 -5.40 -16.44 -8.81
N CYS B 125 -6.40 -15.69 -9.26
CA CYS B 125 -7.19 -16.06 -10.43
C CYS B 125 -6.93 -15.20 -11.68
N GLY B 126 -5.88 -14.39 -11.65
CA GLY B 126 -5.43 -13.67 -12.83
C GLY B 126 -6.17 -12.36 -13.07
N ILE B 127 -6.75 -11.79 -12.01
CA ILE B 127 -7.53 -10.56 -12.14
C ILE B 127 -6.68 -9.38 -11.64
N ASP B 128 -6.75 -8.25 -12.34
CA ASP B 128 -5.93 -7.08 -12.00
C ASP B 128 -6.49 -6.25 -10.85
N MET B 129 -7.80 -5.99 -10.88
CA MET B 129 -8.39 -5.08 -9.92
C MET B 129 -9.86 -5.33 -9.65
N SER B 130 -10.29 -4.74 -8.55
CA SER B 130 -11.70 -4.64 -8.20
C SER B 130 -12.16 -3.18 -8.21
N PHE B 131 -13.40 -2.95 -8.65
CA PHE B 131 -13.98 -1.62 -8.56
C PHE B 131 -14.51 -1.39 -7.14
N THR B 132 -13.57 -1.12 -6.25
CA THR B 132 -13.85 -0.80 -4.87
C THR B 132 -12.71 0.13 -4.48
N PRO B 133 -12.94 1.04 -3.52
CA PRO B 133 -14.06 1.20 -2.59
C PRO B 133 -15.19 2.17 -2.96
N VAL B 134 -16.38 1.85 -2.47
CA VAL B 134 -17.51 2.78 -2.53
C VAL B 134 -17.19 3.89 -1.56
N LEU B 135 -17.17 5.13 -2.04
CA LEU B 135 -16.92 6.29 -1.17
C LEU B 135 -18.19 7.09 -0.95
N ASP B 136 -19.30 6.58 -1.50
CA ASP B 136 -20.61 7.18 -1.25
C ASP B 136 -20.91 7.17 0.26
N LEU B 137 -21.49 8.26 0.75
CA LEU B 137 -21.82 8.38 2.16
C LEU B 137 -23.15 7.74 2.45
N ASP B 138 -23.26 7.14 3.62
CA ASP B 138 -24.47 6.43 4.02
C ASP B 138 -25.51 7.40 4.59
N TYR B 139 -26.18 8.14 3.69
CA TYR B 139 -27.30 8.99 4.08
C TYR B 139 -28.57 8.20 4.38
N GLY B 140 -28.62 6.97 3.87
CA GLY B 140 -29.80 6.13 4.04
C GLY B 140 -30.90 6.50 3.06
N HIS B 141 -30.53 7.26 2.04
CA HIS B 141 -31.46 7.71 0.98
C HIS B 141 -31.49 6.80 -0.23
N SER B 142 -30.36 6.12 -0.49
CA SER B 142 -30.18 5.40 -1.73
C SER B 142 -30.27 3.90 -1.52
N LYS B 143 -31.25 3.27 -2.17
CA LYS B 143 -31.33 1.83 -2.12
C LYS B 143 -30.17 1.17 -2.86
N VAL B 144 -29.82 1.72 -4.02
CA VAL B 144 -28.79 1.07 -4.84
C VAL B 144 -27.46 1.06 -4.11
N ILE B 145 -27.17 2.12 -3.37
CA ILE B 145 -25.95 2.15 -2.54
C ILE B 145 -26.20 1.36 -1.25
N GLY B 146 -27.11 1.81 -0.40
CA GLY B 146 -27.45 1.01 0.76
C GLY B 146 -26.24 0.64 1.60
N ASP B 147 -26.14 -0.64 1.96
CA ASP B 147 -25.08 -1.11 2.87
C ASP B 147 -23.70 -1.23 2.19
N ARG B 148 -23.61 -0.74 0.95
CA ARG B 148 -22.35 -0.67 0.21
C ARG B 148 -21.46 0.47 0.73
N ALA B 149 -22.08 1.45 1.36
CA ALA B 149 -21.37 2.59 1.93
C ALA B 149 -20.75 2.23 3.29
N PHE B 150 -19.57 2.75 3.59
CA PHE B 150 -18.89 2.42 4.84
C PHE B 150 -19.62 3.01 6.03
N HIS B 151 -20.09 4.23 5.88
CA HIS B 151 -20.47 5.07 7.01
C HIS B 151 -21.13 6.36 6.51
N ARG B 152 -21.78 7.07 7.42
CA ARG B 152 -22.33 8.39 7.11
C ARG B 152 -21.29 9.52 6.98
N ASP B 153 -20.27 9.46 7.83
CA ASP B 153 -19.33 10.58 8.05
C ASP B 153 -18.18 10.44 7.07
N PRO B 154 -17.91 11.48 6.29
CA PRO B 154 -16.86 11.37 5.26
C PRO B 154 -15.45 11.13 5.80
N ARG B 155 -15.16 11.59 7.01
CA ARG B 155 -13.86 11.30 7.63
C ARG B 155 -13.69 9.81 7.91
N VAL B 156 -14.77 9.18 8.37
CA VAL B 156 -14.76 7.77 8.65
C VAL B 156 -14.67 6.97 7.35
N VAL B 157 -15.49 7.33 6.37
CA VAL B 157 -15.38 6.73 5.05
C VAL B 157 -13.95 6.81 4.54
N THR B 158 -13.33 7.98 4.67
CA THR B 158 -11.99 8.16 4.15
C THR B 158 -10.99 7.19 4.77
N LEU B 159 -10.94 7.14 6.10
CA LEU B 159 -9.92 6.32 6.74
C LEU B 159 -10.21 4.82 6.69
N LEU B 160 -11.47 4.42 6.60
CA LEU B 160 -11.74 3.00 6.38
C LEU B 160 -11.35 2.56 4.96
N ALA B 161 -11.76 3.35 3.96
CA ALA B 161 -11.42 3.07 2.56
C ALA B 161 -9.92 3.09 2.39
N LYS B 162 -9.27 4.06 3.02
CA LYS B 162 -7.81 4.13 2.97
C LYS B 162 -7.17 2.86 3.52
N SER B 163 -7.66 2.40 4.66
CA SER B 163 -7.19 1.13 5.25
C SER B 163 -7.48 -0.06 4.36
N LEU B 164 -8.67 -0.10 3.76
CA LEU B 164 -8.97 -1.16 2.78
C LEU B 164 -7.99 -1.11 1.60
N ASN B 165 -7.79 0.09 1.07
CA ASN B 165 -6.93 0.26 -0.08
C ASN B 165 -5.48 -0.13 0.23
N HIS B 166 -5.08 0.05 1.47
CA HIS B 166 -3.76 -0.40 1.88
C HIS B 166 -3.67 -1.91 1.80
N GLY B 167 -4.72 -2.60 2.25
CA GLY B 167 -4.76 -4.04 2.13
C GLY B 167 -4.72 -4.52 0.69
N LEU B 168 -5.47 -3.86 -0.18
CA LEU B 168 -5.40 -4.19 -1.62
C LEU B 168 -3.99 -4.00 -2.13
N SER B 169 -3.36 -2.91 -1.72
CA SER B 169 -1.99 -2.59 -2.13
C SER B 169 -0.96 -3.62 -1.65
N LEU B 170 -1.19 -4.24 -0.51
CA LEU B 170 -0.28 -5.31 -0.02
C LEU B 170 -0.20 -6.50 -0.97
N ALA B 171 -1.26 -6.72 -1.75
CA ALA B 171 -1.29 -7.76 -2.78
C ALA B 171 -1.01 -7.22 -4.18
N GLY B 172 -0.57 -5.97 -4.27
CA GLY B 172 -0.23 -5.38 -5.56
C GLY B 172 -1.39 -4.83 -6.35
N MET B 173 -2.54 -4.68 -5.70
CA MET B 173 -3.75 -4.28 -6.40
C MET B 173 -4.07 -2.81 -6.16
N ALA B 174 -4.55 -2.15 -7.19
CA ALA B 174 -4.99 -0.77 -7.11
C ALA B 174 -6.41 -0.75 -6.56
N ASN B 175 -7.16 0.31 -6.88
CA ASN B 175 -8.47 0.50 -6.34
C ASN B 175 -9.19 1.51 -7.20
N CYS B 176 -10.46 1.72 -6.90
CA CYS B 176 -11.27 2.67 -7.65
C CYS B 176 -12.39 3.18 -6.80
N GLY B 177 -12.30 4.44 -6.38
CA GLY B 177 -13.36 5.11 -5.64
C GLY B 177 -14.59 5.39 -6.47
N LYS B 178 -15.79 5.19 -5.89
CA LYS B 178 -17.05 5.46 -6.61
C LYS B 178 -18.19 5.84 -5.66
N HIS B 179 -19.24 6.54 -6.13
CA HIS B 179 -19.42 7.04 -7.50
C HIS B 179 -19.35 8.57 -7.46
N PHE B 180 -18.27 9.11 -7.98
CA PHE B 180 -17.94 10.55 -7.88
C PHE B 180 -18.96 11.44 -8.62
N PRO B 181 -19.42 12.53 -7.97
CA PRO B 181 -18.99 13.10 -6.68
C PRO B 181 -19.81 12.63 -5.48
N GLY B 182 -20.63 11.60 -5.69
CA GLY B 182 -21.39 10.98 -4.62
C GLY B 182 -22.77 10.54 -5.04
N HIS B 183 -23.03 9.25 -4.93
CA HIS B 183 -24.34 8.66 -5.25
C HIS B 183 -25.18 8.42 -3.99
N GLY B 184 -24.66 8.76 -2.82
CA GLY B 184 -25.34 8.42 -1.58
C GLY B 184 -26.56 9.28 -1.18
N PHE B 185 -26.58 10.53 -1.63
CA PHE B 185 -27.64 11.45 -1.24
C PHE B 185 -28.89 11.37 -2.15
N ALA B 186 -28.67 11.17 -3.46
CA ALA B 186 -29.79 10.99 -4.40
C ALA B 186 -30.61 9.74 -4.08
N GLU B 187 -31.90 9.76 -4.42
CA GLU B 187 -32.78 8.64 -4.14
C GLU B 187 -32.75 7.52 -5.18
N ALA B 188 -32.69 7.91 -6.45
CA ALA B 188 -32.92 6.98 -7.56
C ALA B 188 -31.75 6.08 -7.91
N ASP B 189 -32.07 4.95 -8.54
CA ASP B 189 -31.10 3.97 -8.98
C ASP B 189 -30.70 4.23 -10.44
N SER B 190 -29.44 4.57 -10.67
CA SER B 190 -28.99 4.91 -12.01
C SER B 190 -29.02 3.75 -13.01
N HIS B 191 -29.23 2.52 -12.55
CA HIS B 191 -29.38 1.38 -13.45
C HIS B 191 -30.67 1.51 -14.26
N VAL B 192 -31.69 2.09 -13.63
CA VAL B 192 -33.06 2.07 -14.18
C VAL B 192 -33.71 3.43 -14.30
N ALA B 193 -33.03 4.47 -13.82
CA ALA B 193 -33.61 5.80 -13.76
C ALA B 193 -32.50 6.82 -13.81
N LEU B 194 -32.84 8.11 -13.95
CA LEU B 194 -31.84 9.18 -13.95
C LEU B 194 -31.89 9.93 -12.61
N PRO B 195 -30.98 9.61 -11.69
CA PRO B 195 -31.12 10.22 -10.36
C PRO B 195 -30.71 11.67 -10.40
N THR B 196 -31.23 12.47 -9.46
CA THR B 196 -30.84 13.86 -9.35
C THR B 196 -30.51 14.20 -7.91
N ASP B 197 -29.68 15.22 -7.77
CA ASP B 197 -29.20 15.68 -6.49
C ASP B 197 -29.20 17.19 -6.64
N ASP B 198 -29.96 17.91 -5.81
CA ASP B 198 -30.05 19.36 -5.98
C ASP B 198 -29.30 20.17 -4.90
N ARG B 199 -28.31 19.56 -4.25
CA ARG B 199 -27.52 20.30 -3.28
C ARG B 199 -26.60 21.30 -3.98
N THR B 200 -26.09 22.26 -3.21
CA THR B 200 -25.15 23.25 -3.74
C THR B 200 -23.81 22.56 -3.92
N LEU B 201 -22.98 23.15 -4.77
CA LEU B 201 -21.61 22.69 -4.95
C LEU B 201 -20.89 22.63 -3.62
N ASP B 202 -20.97 23.71 -2.83
CA ASP B 202 -20.28 23.76 -1.54
C ASP B 202 -20.63 22.60 -0.61
N ALA B 203 -21.92 22.25 -0.56
CA ALA B 203 -22.36 21.13 0.27
C ALA B 203 -21.79 19.83 -0.23
N ILE B 204 -21.79 19.65 -1.54
CA ILE B 204 -21.28 18.43 -2.14
C ILE B 204 -19.76 18.31 -1.87
N LEU B 205 -19.05 19.43 -2.04
CA LEU B 205 -17.61 19.48 -1.75
C LEU B 205 -17.24 19.22 -0.30
N GLU B 206 -18.01 19.82 0.61
CA GLU B 206 -17.79 19.71 2.05
C GLU B 206 -17.88 18.29 2.57
N GLN B 207 -18.77 17.48 2.02
CA GLN B 207 -18.98 16.14 2.56
C GLN B 207 -18.69 15.06 1.54
N ASP B 208 -19.55 14.92 0.53
CA ASP B 208 -19.47 13.77 -0.36
C ASP B 208 -18.15 13.72 -1.15
N VAL B 209 -17.61 14.88 -1.52
CA VAL B 209 -16.38 14.89 -2.32
C VAL B 209 -15.14 14.71 -1.44
N ALA B 210 -15.28 15.03 -0.16
CA ALA B 210 -14.13 15.08 0.74
C ALA B 210 -13.26 13.82 0.77
N PRO B 211 -13.87 12.61 0.75
CA PRO B 211 -12.96 11.45 0.75
C PRO B 211 -12.05 11.39 -0.46
N TYR B 212 -12.53 11.81 -1.62
CA TYR B 212 -11.75 11.81 -2.83
C TYR B 212 -10.59 12.76 -2.67
N ASP B 213 -10.83 13.89 -2.03
CA ASP B 213 -9.79 14.87 -1.84
C ASP B 213 -8.78 14.40 -0.77
N TRP B 214 -9.27 13.82 0.31
CA TRP B 214 -8.39 13.42 1.42
C TRP B 214 -7.53 12.18 1.16
N LEU B 215 -8.00 11.28 0.31
CA LEU B 215 -7.27 10.03 0.09
C LEU B 215 -5.95 10.29 -0.62
N GLY B 216 -5.87 11.37 -1.39
CA GLY B 216 -4.67 11.65 -2.15
C GLY B 216 -4.22 10.44 -2.96
N LEU B 217 -2.96 10.05 -2.82
CA LEU B 217 -2.40 9.04 -3.67
C LEU B 217 -2.94 7.67 -3.32
N SER B 218 -3.67 7.57 -2.21
CA SER B 218 -4.27 6.31 -1.79
CA SER B 218 -4.26 6.31 -1.79
C SER B 218 -5.48 5.98 -2.64
N LEU B 219 -5.88 6.94 -3.49
CA LEU B 219 -6.96 6.78 -4.45
C LEU B 219 -6.40 6.64 -5.86
N ALA B 220 -6.56 5.46 -6.45
CA ALA B 220 -5.90 5.14 -7.72
C ALA B 220 -6.76 5.51 -8.93
N ALA B 221 -8.06 5.47 -8.73
CA ALA B 221 -8.97 5.68 -9.85
C ALA B 221 -10.33 6.09 -9.34
N VAL B 222 -11.19 6.51 -10.25
CA VAL B 222 -12.51 7.00 -9.90
C VAL B 222 -13.49 6.54 -10.96
N ILE B 223 -14.68 6.09 -10.52
CA ILE B 223 -15.86 5.97 -11.40
C ILE B 223 -16.80 7.13 -11.03
N PRO B 224 -17.17 7.98 -12.00
CA PRO B 224 -18.18 9.01 -11.71
C PRO B 224 -19.61 8.44 -11.75
N ALA B 225 -20.48 9.03 -10.95
CA ALA B 225 -21.90 8.67 -10.95
C ALA B 225 -22.61 9.21 -12.21
N HIS B 226 -23.58 8.45 -12.70
CA HIS B 226 -24.55 8.93 -13.69
C HIS B 226 -25.65 9.68 -12.94
N VAL B 227 -25.30 10.74 -12.25
CA VAL B 227 -26.26 11.49 -11.44
C VAL B 227 -26.12 12.93 -11.89
N ILE B 228 -27.24 13.64 -11.99
CA ILE B 228 -27.23 15.04 -12.34
C ILE B 228 -27.30 15.86 -11.06
N TYR B 229 -26.32 16.72 -10.88
CA TYR B 229 -26.24 17.61 -9.74
C TYR B 229 -26.71 18.97 -10.26
N THR B 230 -28.02 19.18 -10.14
CA THR B 230 -28.72 20.27 -10.82
C THR B 230 -28.07 21.65 -10.68
N GLN B 231 -27.58 21.93 -9.49
CA GLN B 231 -26.98 23.23 -9.17
C GLN B 231 -25.59 23.45 -9.79
N VAL B 232 -24.95 22.40 -10.31
CA VAL B 232 -23.54 22.49 -10.75
C VAL B 232 -23.42 22.30 -12.25
N ASP B 233 -24.16 21.33 -12.78
CA ASP B 233 -24.10 21.06 -14.20
C ASP B 233 -25.31 20.25 -14.58
N LYS B 234 -25.82 20.55 -15.77
CA LYS B 234 -27.01 19.90 -16.30
C LYS B 234 -26.69 18.48 -16.76
N ARG B 235 -25.40 18.19 -16.94
CA ARG B 235 -24.96 16.87 -17.38
C ARG B 235 -24.71 15.91 -16.20
N PRO B 236 -25.03 14.62 -16.39
CA PRO B 236 -24.56 13.60 -15.44
C PRO B 236 -23.04 13.69 -15.29
N ALA B 237 -22.53 13.37 -14.12
CA ALA B 237 -21.15 13.68 -13.77
C ALA B 237 -20.19 13.03 -14.76
N GLY B 238 -20.50 11.82 -15.21
CA GLY B 238 -19.62 11.11 -16.11
C GLY B 238 -19.52 11.71 -17.50
N PHE B 239 -20.46 12.61 -17.82
CA PHE B 239 -20.48 13.35 -19.07
C PHE B 239 -20.15 14.83 -18.88
N SER B 240 -19.68 15.19 -17.69
CA SER B 240 -19.51 16.58 -17.29
C SER B 240 -18.06 17.02 -17.15
N ARG B 241 -17.65 17.87 -18.07
CA ARG B 241 -16.36 18.54 -18.05
C ARG B 241 -16.19 19.29 -16.74
N VAL B 242 -17.29 19.82 -16.21
CA VAL B 242 -17.24 20.60 -14.98
C VAL B 242 -16.83 19.71 -13.81
N TRP B 243 -17.51 18.58 -13.66
CA TRP B 243 -17.18 17.68 -12.57
C TRP B 243 -15.80 17.04 -12.74
N LEU B 244 -15.50 16.59 -13.95
CA LEU B 244 -14.30 15.79 -14.19
C LEU B 244 -13.05 16.63 -14.40
N GLN B 245 -13.18 17.73 -15.15
CA GLN B 245 -12.02 18.62 -15.38
C GLN B 245 -11.87 19.69 -14.32
N ASP B 246 -12.91 20.48 -14.07
CA ASP B 246 -12.75 21.60 -13.15
C ASP B 246 -12.64 21.15 -11.71
N ILE B 247 -13.45 20.16 -11.29
CA ILE B 247 -13.42 19.71 -9.89
C ILE B 247 -12.38 18.61 -9.64
N LEU B 248 -12.57 17.45 -10.27
CA LEU B 248 -11.66 16.32 -10.01
C LEU B 248 -10.19 16.53 -10.44
N ARG B 249 -9.96 16.80 -11.73
CA ARG B 249 -8.63 17.03 -12.28
C ARG B 249 -8.06 18.37 -11.80
N GLY B 250 -8.93 19.38 -11.76
CA GLY B 250 -8.55 20.75 -11.42
C GLY B 250 -8.40 20.96 -9.92
N LYS B 251 -9.51 21.17 -9.23
CA LYS B 251 -9.46 21.54 -7.82
C LYS B 251 -8.77 20.46 -6.99
N LEU B 252 -9.08 19.19 -7.26
CA LEU B 252 -8.55 18.08 -6.47
C LEU B 252 -7.19 17.60 -6.95
N GLY B 253 -6.78 17.99 -8.16
CA GLY B 253 -5.50 17.59 -8.68
C GLY B 253 -5.38 16.09 -8.94
N PHE B 254 -6.50 15.42 -9.18
CA PHE B 254 -6.48 13.97 -9.34
C PHE B 254 -5.77 13.53 -10.63
N THR B 255 -4.83 12.60 -10.51
CA THR B 255 -4.04 12.17 -11.66
C THR B 255 -4.28 10.73 -12.09
N GLY B 256 -5.14 10.03 -11.35
CA GLY B 256 -5.41 8.63 -11.64
C GLY B 256 -6.42 8.41 -12.75
N ALA B 257 -6.74 7.14 -13.03
CA ALA B 257 -7.67 6.81 -14.12
C ALA B 257 -9.11 7.13 -13.73
N ILE B 258 -9.87 7.58 -14.73
CA ILE B 258 -11.30 7.76 -14.61
C ILE B 258 -11.99 6.79 -15.57
N PHE B 259 -12.82 5.92 -14.99
CA PHE B 259 -13.64 4.97 -15.72
C PHE B 259 -15.09 5.46 -15.68
N SER B 260 -15.77 5.53 -16.81
CA SER B 260 -17.20 5.82 -16.75
C SER B 260 -17.93 4.68 -16.06
N ASP B 261 -19.03 5.00 -15.39
CA ASP B 261 -19.94 3.92 -15.00
C ASP B 261 -20.53 3.31 -16.27
N ASP B 262 -21.10 2.12 -16.16
CA ASP B 262 -21.57 1.36 -17.30
C ASP B 262 -22.52 2.19 -18.18
N LEU B 263 -22.19 2.32 -19.46
CA LEU B 263 -22.99 3.13 -20.37
C LEU B 263 -24.25 2.41 -20.76
N SER B 264 -24.37 1.15 -20.36
CA SER B 264 -25.59 0.40 -20.63
C SER B 264 -26.68 0.75 -19.62
N MET B 265 -26.31 1.41 -18.53
CA MET B 265 -27.31 1.75 -17.49
C MET B 265 -28.29 2.80 -17.98
N GLU B 266 -29.50 2.82 -17.46
CA GLU B 266 -30.53 3.73 -18.00
C GLU B 266 -30.19 5.21 -17.87
N ALA B 267 -29.52 5.60 -16.80
CA ALA B 267 -29.15 7.00 -16.61
C ALA B 267 -28.20 7.47 -17.70
N ALA B 268 -27.44 6.54 -18.28
CA ALA B 268 -26.43 6.92 -19.24
C ALA B 268 -27.05 7.21 -20.62
N ARG B 269 -28.36 7.00 -20.75
CA ARG B 269 -29.05 7.32 -22.00
C ARG B 269 -29.24 8.83 -22.16
N GLU B 270 -28.91 9.60 -21.11
CA GLU B 270 -28.82 11.06 -21.25
C GLU B 270 -27.75 11.47 -22.26
N GLY B 271 -26.75 10.63 -22.44
CA GLY B 271 -25.63 10.93 -23.30
C GLY B 271 -25.96 10.62 -24.75
N GLY B 272 -27.08 9.91 -24.95
CA GLY B 272 -27.59 9.52 -26.26
C GLY B 272 -27.30 8.06 -26.59
N THR B 273 -26.92 7.78 -27.85
CA THR B 273 -26.61 6.41 -28.27
C THR B 273 -25.33 5.94 -27.60
N LEU B 274 -25.07 4.64 -27.65
CA LEU B 274 -23.92 4.10 -26.93
C LEU B 274 -22.62 4.73 -27.39
N THR B 275 -22.43 4.87 -28.71
CA THR B 275 -21.18 5.37 -29.22
C THR B 275 -21.02 6.85 -28.88
N GLN B 276 -22.11 7.59 -29.07
CA GLN B 276 -22.12 9.00 -28.78
C GLN B 276 -21.96 9.21 -27.27
N ALA B 277 -22.55 8.34 -26.46
CA ALA B 277 -22.35 8.43 -25.01
C ALA B 277 -20.90 8.15 -24.62
N ALA B 278 -20.30 7.13 -25.23
CA ALA B 278 -18.90 6.82 -24.98
C ALA B 278 -18.04 8.02 -25.40
N ASP B 279 -18.34 8.61 -26.55
CA ASP B 279 -17.53 9.74 -26.99
C ASP B 279 -17.70 10.95 -26.05
N ALA B 280 -18.89 11.14 -25.50
CA ALA B 280 -19.13 12.26 -24.60
C ALA B 280 -18.40 12.09 -23.24
N ALA B 281 -18.35 10.86 -22.76
CA ALA B 281 -17.71 10.56 -21.50
C ALA B 281 -16.21 10.74 -21.62
N LEU B 282 -15.63 10.23 -22.69
CA LEU B 282 -14.20 10.37 -22.91
C LEU B 282 -13.84 11.85 -23.08
N ALA B 283 -14.67 12.58 -23.81
CA ALA B 283 -14.45 13.99 -24.06
C ALA B 283 -14.49 14.78 -22.77
N ALA B 284 -15.34 14.37 -21.84
CA ALA B 284 -15.48 15.07 -20.58
C ALA B 284 -14.28 14.82 -19.67
N GLY B 285 -13.58 13.71 -19.86
CA GLY B 285 -12.48 13.38 -18.96
C GLY B 285 -12.25 11.92 -18.60
N CYS B 286 -13.17 11.00 -18.93
CA CYS B 286 -12.93 9.59 -18.69
C CYS B 286 -11.73 9.09 -19.52
N ASP B 287 -10.93 8.23 -18.92
CA ASP B 287 -9.84 7.55 -19.63
C ASP B 287 -10.35 6.28 -20.24
N MET B 288 -11.37 5.70 -19.61
CA MET B 288 -11.96 4.44 -20.05
C MET B 288 -13.48 4.51 -19.87
N VAL B 289 -14.23 3.85 -20.75
CA VAL B 289 -15.68 3.70 -20.61
C VAL B 289 -16.04 2.22 -20.51
N LEU B 290 -16.98 1.93 -19.63
CA LEU B 290 -17.52 0.58 -19.45
C LEU B 290 -18.75 0.42 -20.32
N VAL B 291 -18.79 -0.69 -21.06
CA VAL B 291 -20.00 -1.07 -21.82
C VAL B 291 -20.30 -2.55 -21.53
N CYS B 292 -21.30 -2.78 -20.67
CA CYS B 292 -21.53 -4.09 -20.11
C CYS B 292 -22.83 -4.71 -20.61
N ASN B 293 -22.84 -6.04 -20.69
CA ASN B 293 -24.06 -6.80 -20.94
C ASN B 293 -24.65 -6.60 -22.33
N GLN B 294 -23.82 -6.15 -23.25
CA GLN B 294 -24.20 -6.18 -24.66
C GLN B 294 -23.00 -6.12 -25.59
N PRO B 295 -22.30 -7.25 -25.71
CA PRO B 295 -21.04 -7.28 -26.44
C PRO B 295 -21.18 -6.84 -27.90
N ASP B 296 -22.29 -7.18 -28.55
CA ASP B 296 -22.49 -6.69 -29.92
C ASP B 296 -22.61 -5.18 -30.00
N ALA B 297 -23.27 -4.59 -29.02
CA ALA B 297 -23.39 -3.14 -28.97
C ALA B 297 -22.01 -2.53 -28.67
N ALA B 298 -21.28 -3.16 -27.76
CA ALA B 298 -19.92 -2.71 -27.46
C ALA B 298 -19.04 -2.76 -28.72
N GLU B 299 -19.19 -3.79 -29.54
CA GLU B 299 -18.42 -3.86 -30.77
C GLU B 299 -18.74 -2.71 -31.74
N VAL B 300 -20.00 -2.32 -31.81
CA VAL B 300 -20.39 -1.11 -32.55
C VAL B 300 -19.63 0.11 -32.03
N VAL B 301 -19.57 0.24 -30.71
CA VAL B 301 -18.83 1.33 -30.12
C VAL B 301 -17.37 1.27 -30.53
N LEU B 302 -16.76 0.09 -30.45
CA LEU B 302 -15.35 -0.08 -30.77
C LEU B 302 -15.07 0.45 -32.16
N ASN B 303 -15.97 0.17 -33.09
CA ASN B 303 -15.76 0.57 -34.47
C ASN B 303 -16.23 1.99 -34.83
N GLY B 304 -17.08 2.58 -34.01
CA GLY B 304 -17.64 3.89 -34.28
C GLY B 304 -16.99 5.02 -33.50
N LEU B 305 -16.31 4.67 -32.41
CA LEU B 305 -15.73 5.66 -31.52
C LEU B 305 -14.80 6.66 -32.25
N LYS B 306 -14.99 7.94 -31.97
CA LYS B 306 -14.20 9.00 -32.61
C LYS B 306 -12.94 9.39 -31.83
N ALA B 307 -13.03 9.24 -30.52
CA ALA B 307 -12.01 9.73 -29.59
C ALA B 307 -10.61 9.26 -29.95
N ARG B 308 -9.67 10.21 -29.93
CA ARG B 308 -8.24 9.88 -30.03
C ARG B 308 -7.72 9.59 -28.62
N ALA B 309 -7.22 8.38 -28.39
CA ALA B 309 -6.76 8.01 -27.04
C ALA B 309 -5.44 8.71 -26.72
N SER B 310 -5.41 9.44 -25.61
CA SER B 310 -4.23 10.22 -25.27
C SER B 310 -3.17 9.35 -24.62
N ALA B 311 -1.93 9.79 -24.75
CA ALA B 311 -0.80 9.11 -24.14
C ALA B 311 -0.96 9.08 -22.62
N GLU B 312 -1.50 10.15 -22.05
CA GLU B 312 -1.73 10.21 -20.60
C GLU B 312 -2.83 9.25 -20.15
N SER B 313 -3.90 9.09 -20.93
CA SER B 313 -4.94 8.12 -20.60
C SER B 313 -4.33 6.74 -20.60
N VAL B 314 -3.46 6.48 -21.58
CA VAL B 314 -2.80 5.20 -21.67
C VAL B 314 -1.92 4.95 -20.44
N ARG B 315 -1.19 5.97 -20.01
CA ARG B 315 -0.32 5.83 -18.85
C ARG B 315 -1.14 5.48 -17.61
N ARG B 316 -2.26 6.17 -17.48
CA ARG B 316 -3.16 5.99 -16.36
C ARG B 316 -3.74 4.58 -16.33
N ILE B 317 -4.17 4.09 -17.50
CA ILE B 317 -4.78 2.77 -17.59
C ILE B 317 -3.75 1.70 -17.25
N LYS B 318 -2.55 1.86 -17.78
CA LYS B 318 -1.49 0.90 -17.52
C LYS B 318 -1.14 0.83 -16.02
N ARG B 319 -1.35 1.92 -15.28
CA ARG B 319 -1.03 1.96 -13.86
C ARG B 319 -2.08 1.28 -12.99
N MET B 320 -3.16 0.85 -13.63
CA MET B 320 -4.18 0.05 -12.95
C MET B 320 -3.91 -1.47 -12.96
N ARG B 321 -2.93 -1.92 -13.75
CA ARG B 321 -2.55 -3.33 -13.78
C ARG B 321 -1.96 -3.74 -12.43
N ALA B 322 -2.17 -4.97 -11.99
CA ALA B 322 -1.64 -5.42 -10.69
C ALA B 322 -0.12 -5.39 -10.70
N ARG B 323 0.48 -5.20 -9.54
CA ARG B 323 1.93 -5.04 -9.43
C ARG B 323 2.54 -6.32 -8.89
N GLY B 324 3.61 -6.78 -9.53
CA GLY B 324 4.41 -7.83 -8.96
C GLY B 324 3.80 -9.21 -9.08
N LYS B 325 4.42 -10.18 -8.41
CA LYS B 325 3.99 -11.57 -8.50
C LYS B 325 2.87 -11.85 -7.52
N ALA B 326 1.89 -12.62 -7.97
CA ALA B 326 0.81 -13.11 -7.10
C ALA B 326 1.11 -14.53 -6.62
N LEU B 327 0.69 -14.84 -5.39
CA LEU B 327 0.74 -16.20 -4.90
C LEU B 327 -0.37 -17.01 -5.54
N LYS B 328 -0.01 -18.18 -6.07
CA LYS B 328 -1.02 -19.19 -6.46
C LYS B 328 -1.91 -19.58 -5.27
N TRP B 329 -3.13 -20.02 -5.57
CA TRP B 329 -4.12 -20.29 -4.55
C TRP B 329 -3.61 -21.18 -3.43
N ASP B 330 -2.98 -22.30 -3.79
CA ASP B 330 -2.57 -23.27 -2.79
C ASP B 330 -1.50 -22.73 -1.86
N LYS B 331 -0.68 -21.81 -2.36
CA LYS B 331 0.33 -21.16 -1.50
C LYS B 331 -0.33 -20.06 -0.65
N LEU B 332 -1.29 -19.36 -1.23
CA LEU B 332 -1.95 -18.25 -0.54
C LEU B 332 -2.70 -18.72 0.70
N ILE B 333 -3.44 -19.82 0.58
CA ILE B 333 -4.31 -20.24 1.66
C ILE B 333 -3.50 -20.82 2.84
N ALA B 334 -2.19 -21.03 2.64
CA ALA B 334 -1.30 -21.48 3.73
C ALA B 334 -0.39 -20.34 4.29
N GLN B 335 -0.47 -19.17 3.68
CA GLN B 335 0.46 -18.10 4.01
C GLN B 335 0.07 -17.51 5.36
N PRO B 336 1.05 -17.31 6.25
CA PRO B 336 0.66 -16.85 7.59
C PRO B 336 -0.14 -15.53 7.58
N GLU B 337 0.22 -14.61 6.69
CA GLU B 337 -0.42 -13.31 6.69
C GLU B 337 -1.90 -13.42 6.27
N TYR B 338 -2.16 -14.18 5.22
CA TYR B 338 -3.51 -14.51 4.81
C TYR B 338 -4.32 -15.19 5.95
N LEU B 339 -3.72 -16.15 6.65
CA LEU B 339 -4.38 -16.83 7.76
C LEU B 339 -4.69 -15.86 8.90
N GLN B 340 -3.77 -14.94 9.16
CA GLN B 340 -3.97 -13.89 10.16
C GLN B 340 -5.16 -13.00 9.78
N ALA B 341 -5.22 -12.61 8.51
CA ALA B 341 -6.33 -11.82 8.01
C ALA B 341 -7.66 -12.55 8.16
N GLN B 342 -7.69 -13.83 7.81
CA GLN B 342 -8.92 -14.61 7.97
C GLN B 342 -9.36 -14.71 9.42
N ALA B 343 -8.40 -14.96 10.31
CA ALA B 343 -8.70 -15.08 11.73
C ALA B 343 -9.29 -13.79 12.24
N LEU B 344 -8.75 -12.66 11.79
CA LEU B 344 -9.18 -11.36 12.27
C LEU B 344 -10.58 -11.02 11.81
N LEU B 345 -10.87 -11.33 10.54
CA LEU B 345 -12.20 -11.15 10.01
C LEU B 345 -13.21 -11.96 10.78
N SER B 346 -12.84 -13.20 11.10
CA SER B 346 -13.77 -14.10 11.77
C SER B 346 -14.07 -13.61 13.20
N SER B 347 -13.03 -13.20 13.92
CA SER B 347 -13.16 -12.81 15.32
C SER B 347 -13.76 -11.41 15.46
N ALA B 348 -13.28 -10.46 14.66
CA ALA B 348 -13.65 -9.06 14.82
C ALA B 348 -15.05 -8.71 14.34
N LEU B 349 -15.54 -9.41 13.33
CA LEU B 349 -16.86 -9.11 12.80
C LEU B 349 -17.86 -10.14 13.29
N1 2CZ C . 21.05 1.76 14.55
C2 2CZ C . 20.71 3.16 14.70
N2 2CZ C . 18.88 3.18 16.27
C3 2CZ C . 19.27 3.48 14.91
C4 2CZ C . 18.33 2.65 14.02
O4 2CZ C . 17.04 3.22 14.04
C5 2CZ C . 18.72 2.64 12.57
O5 2CZ C . 17.55 2.14 11.90
C6 2CZ C . 19.98 1.85 12.18
O6 2CZ C . 20.99 2.76 11.71
C7 2CZ C . 20.72 1.11 13.26
C8 2CZ C . 18.32 4.17 17.14
O8 2CZ C . 18.23 5.33 16.77
C9 2CZ C . 17.91 3.78 18.55
H02 2CZ C . 20.69 1.27 15.24
H14 2CZ C . 21.21 3.51 15.50
H03 2CZ C . 21.02 3.63 13.92
H04 2CZ C . 18.94 2.31 16.57
H05 2CZ C . 19.12 4.44 14.73
H06 2CZ C . 18.28 1.74 14.36
H07 2CZ C . 17.10 4.10 14.10
H08 2CZ C . 18.86 3.56 12.29
H09 2CZ C . 17.44 2.60 11.13
H10 2CZ C . 19.76 1.24 11.46
H11 2CZ C . 21.63 2.30 11.26
H15 2CZ C . 21.56 0.80 12.87
H12 2CZ C . 20.18 0.30 13.48
H16 2CZ C . 18.65 3.33 18.99
H13 2CZ C . 17.66 4.58 19.05
H01 2CZ C . 17.13 3.17 18.50
C1 GOL D . 33.42 -6.73 -8.29
O1 GOL D . 32.23 -6.02 -7.97
C2 GOL D . 34.54 -6.19 -7.41
O2 GOL D . 34.28 -6.63 -6.10
C3 GOL D . 35.91 -6.70 -7.87
O3 GOL D . 36.89 -5.73 -7.54
H11 GOL D . 33.28 -7.79 -8.10
H12 GOL D . 33.68 -6.60 -9.34
HO1 GOL D . 31.52 -6.31 -8.58
H2 GOL D . 34.53 -5.11 -7.46
HO2 GOL D . 34.29 -7.61 -6.07
H31 GOL D . 36.14 -7.64 -7.37
H32 GOL D . 35.91 -6.87 -8.95
HO3 GOL D . 36.74 -5.42 -6.63
N1 2CZ E . -22.18 -0.32 -13.00
C2 2CZ E . -22.80 -0.79 -11.79
N2 2CZ E . -22.88 1.19 -10.46
C3 2CZ E . -22.30 -0.12 -10.56
C4 2CZ E . -20.79 0.05 -10.47
O4 2CZ E . -20.49 0.34 -9.11
C5 2CZ E . -20.04 -1.21 -10.82
O5 2CZ E . -18.71 -1.04 -10.38
C6 2CZ E . -20.08 -1.68 -12.28
O6 2CZ E . -20.80 -2.92 -12.34
C7 2CZ E . -20.81 -0.77 -13.25
C8 2CZ E . -23.74 1.53 -9.34
O8 2CZ E . -24.00 0.70 -8.49
C9 2CZ E . -24.32 2.94 -9.25
H02 2CZ E . -22.21 0.60 -13.02
H14 2CZ E . -23.78 -0.64 -11.86
H03 2CZ E . -22.64 -1.74 -11.72
H04 2CZ E . -22.68 1.83 -11.09
H05 2CZ E . -22.59 -0.64 -9.77
H06 2CZ E . -20.50 0.78 -11.04
H07 2CZ E . -21.20 0.22 -8.61
H08 2CZ E . -20.43 -1.93 -10.28
H09 2CZ E . -18.42 -1.80 -9.98
H10 2CZ E . -19.18 -1.83 -12.59
H11 2CZ E . -20.22 -3.62 -12.34
H15 2CZ E . -20.81 -1.24 -14.12
H12 2CZ E . -20.24 0.04 -13.36
H16 2CZ E . -24.78 3.16 -10.10
H13 2CZ E . -24.95 2.99 -8.51
H01 2CZ E . -23.58 3.58 -9.11
C1 GOL F . -23.83 -10.94 -8.88
O1 GOL F . -24.87 -11.71 -9.46
C2 GOL F . -23.86 -11.05 -7.37
O2 GOL F . -23.10 -12.14 -6.92
C3 GOL F . -23.29 -9.78 -6.77
O3 GOL F . -23.00 -9.96 -5.43
H11 GOL F . -22.86 -11.30 -9.26
H12 GOL F . -23.95 -9.90 -9.18
HO1 GOL F . -24.87 -11.58 -10.43
H2 GOL F . -24.89 -11.16 -7.04
HO2 GOL F . -22.16 -12.03 -7.20
H31 GOL F . -22.39 -9.50 -7.31
H32 GOL F . -24.01 -8.97 -6.88
HO3 GOL F . -22.29 -10.63 -5.35
C1 GOL G . -19.53 -7.25 -37.24
O1 GOL G . -18.75 -8.43 -37.22
C2 GOL G . -18.76 -6.09 -36.58
O2 GOL G . -17.57 -5.83 -37.28
C3 GOL G . -19.66 -4.83 -36.54
O3 GOL G . -19.59 -4.15 -35.30
H11 GOL G . -19.77 -6.98 -38.27
H12 GOL G . -20.46 -7.42 -36.71
HO1 GOL G . -19.27 -9.18 -37.59
H2 GOL G . -18.53 -6.37 -35.55
HO2 GOL G . -17.77 -5.54 -38.20
H31 GOL G . -19.35 -4.16 -37.34
H32 GOL G . -20.69 -5.13 -36.74
HO3 GOL G . -19.04 -3.34 -35.39
#